data_4Z5X
#
_entry.id   4Z5X
#
_cell.length_a   128.486
_cell.length_b   128.486
_cell.length_c   116.634
_cell.angle_alpha   90.00
_cell.angle_beta   90.00
_cell.angle_gamma   90.00
#
_symmetry.space_group_name_H-M   'P 43 21 2'
#
loop_
_entity.id
_entity.type
_entity.pdbx_description
1 polymer 'Glycogen phosphorylase, muscle form'
2 non-polymer '3,4,5-trihydroxybenzoic acid'
3 non-polymer "PYRIDOXAL-5'-PHOSPHATE"
4 water water
#
_entity_poly.entity_id   1
_entity_poly.type   'polypeptide(L)'
_entity_poly.pdbx_seq_one_letter_code
;MSRPLSDQEKRKQISVRGLAGVENVTELKKNFNRHLHFTLVKDRNVATPRDYYFALAHTVRDHLVGRWIRTQQHYYEKDP
KRIYYLSLEFYMGRTLQNTMVNLALENACDEATYQLGLDMEELEEIEEDAGLGNGGLGRLAA(CSO)FLDSMATLGLAAY
GYGIRYEFGIFNQKICGGWQMEEADDWLRYGNPWEKARPEFTLPVHFYGRVEHTSQGAKWVDTQVVLAMPYDTPVPGYRN
NVVNTMRLWSAKAPNDFNLKDFNVGGYIQAVLDRNLAENISRVLYPNDNFFEGKELRLKQEYFVVAATLQDIIRRFKSSK
FGCRDPVRTNFDAFPDKVAIQLNDTHPSLAIPELMRVLVDLERLDWDKAWEVTVKTCAYTNHTVLPEALERWPVHLLETL
LPRHLQIIYEINQRFLNRVAAAFPGDVDRLRRMSLVEEGAVKRINMAHLCIAGSHAVNGVARIHSEILKKTIFKDFYELE
PHKFQNKTNGITPRRWLVLCNPGLAEIIAERIGEEYISDLDQLRKLLSYVDDEAFIRDVAKVKQENKLKFAAYLEREYKV
HINPNSLFDVQVKRIHEYKRQLLNCLHVITLYNRIKKEPNKFVVPRTVMIGGKAAPGYHMAKMIIKLITAIGDVVNHDPV
VGDRLRVIFLENYRVSLAEKVIPAADLSEQISTAGTEASGTGNMKFMLNGALTIGTMDGANVEMAEEAGEENFFIFGMRV
EDVDRLDQRGYNAQEYYDRIPELRQIIEQLSSGFFSPKQPDLFKDIVNMLMHHDRFKVFADYEEYVKCQERVSALYKNPR
EWTRMVIRNIATSGKFSSDRTIAQYAREIWGVEPSRQRLPAPDEKIP
;
_entity_poly.pdbx_strand_id   A
#
loop_
_chem_comp.id
_chem_comp.type
_chem_comp.name
_chem_comp.formula
GDE non-polymer '3,4,5-trihydroxybenzoic acid' 'C7 H6 O5'
PLP non-polymer PYRIDOXAL-5'-PHOSPHATE 'C8 H10 N O6 P'
#
# COMPACT_ATOMS: atom_id res chain seq x y z
N GLN A 13 -15.74 27.69 3.64
CA GLN A 13 -14.72 28.24 4.58
C GLN A 13 -13.36 28.50 3.90
N ILE A 14 -12.73 27.45 3.38
CA ILE A 14 -11.49 27.56 2.58
C ILE A 14 -11.78 27.21 1.12
N SER A 15 -11.13 27.90 0.19
CA SER A 15 -11.51 27.87 -1.24
C SER A 15 -11.36 26.50 -1.92
N VAL A 16 -10.30 25.75 -1.59
CA VAL A 16 -10.06 24.40 -2.19
C VAL A 16 -11.19 23.39 -1.93
N ARG A 17 -11.95 23.59 -0.85
CA ARG A 17 -13.11 22.76 -0.53
C ARG A 17 -14.41 23.07 -1.30
N GLY A 18 -14.36 24.00 -2.27
CA GLY A 18 -15.48 24.23 -3.19
C GLY A 18 -16.53 25.21 -2.67
N LEU A 19 -17.60 25.38 -3.45
CA LEU A 19 -18.67 26.35 -3.13
C LEU A 19 -19.75 25.76 -2.23
N ALA A 20 -20.27 26.58 -1.32
CA ALA A 20 -21.44 26.25 -0.51
C ALA A 20 -22.65 27.08 -0.98
N GLY A 21 -23.09 26.84 -2.22
CA GLY A 21 -24.28 27.50 -2.77
C GLY A 21 -25.57 27.17 -2.03
N VAL A 22 -26.39 28.19 -1.79
CA VAL A 22 -27.66 28.08 -1.03
C VAL A 22 -28.62 26.98 -1.53
N GLU A 23 -28.72 26.86 -2.85
CA GLU A 23 -29.52 25.82 -3.51
C GLU A 23 -29.00 24.41 -3.15
N ASN A 24 -27.69 24.21 -3.34
CA ASN A 24 -27.03 22.95 -2.98
C ASN A 24 -27.16 22.60 -1.50
N VAL A 25 -26.86 23.56 -0.62
CA VAL A 25 -26.94 23.32 0.83
C VAL A 25 -28.36 22.90 1.23
N THR A 26 -29.34 23.58 0.64
CA THR A 26 -30.76 23.32 0.91
C THR A 26 -31.11 21.89 0.50
N GLU A 27 -30.70 21.50 -0.71
CA GLU A 27 -30.95 20.16 -1.23
C GLU A 27 -30.26 19.01 -0.44
N LEU A 28 -29.04 19.24 0.00
CA LEU A 28 -28.34 18.29 0.88
C LEU A 28 -29.05 18.09 2.21
N LYS A 29 -29.50 19.20 2.80
CA LYS A 29 -30.27 19.16 4.06
C LYS A 29 -31.53 18.29 3.96
N LYS A 30 -32.33 18.49 2.92
CA LYS A 30 -33.53 17.65 2.75
C LYS A 30 -33.21 16.19 2.44
N ASN A 31 -32.17 15.91 1.68
CA ASN A 31 -31.79 14.51 1.40
C ASN A 31 -31.21 13.81 2.63
N PHE A 32 -30.44 14.53 3.43
CA PHE A 32 -30.00 14.06 4.73
C PHE A 32 -31.19 13.62 5.59
N ASN A 33 -32.20 14.48 5.71
CA ASN A 33 -33.37 14.16 6.53
C ASN A 33 -34.18 13.04 5.97
N ARG A 34 -34.32 13.00 4.65
CA ARG A 34 -34.95 11.89 3.96
C ARG A 34 -34.29 10.54 4.27
N HIS A 35 -32.95 10.47 4.19
CA HIS A 35 -32.23 9.22 4.51
C HIS A 35 -32.33 8.84 5.98
N LEU A 36 -32.27 9.82 6.89
CA LEU A 36 -32.40 9.49 8.31
C LEU A 36 -33.76 8.82 8.61
N HIS A 37 -34.81 9.30 7.94
CA HIS A 37 -36.19 8.85 8.15
C HIS A 37 -36.44 7.52 7.43
N PHE A 38 -36.28 7.52 6.11
CA PHE A 38 -36.66 6.37 5.28
C PHE A 38 -35.59 5.26 5.25
N THR A 39 -34.32 5.64 5.24
CA THR A 39 -33.22 4.66 5.09
C THR A 39 -32.82 4.09 6.43
N LEU A 40 -32.57 4.97 7.38
CA LEU A 40 -32.14 4.54 8.69
C LEU A 40 -33.31 4.23 9.61
N VAL A 41 -34.52 4.71 9.29
CA VAL A 41 -35.72 4.48 10.12
C VAL A 41 -35.44 4.97 11.55
N LYS A 42 -35.09 6.25 11.65
CA LYS A 42 -34.85 6.94 12.91
C LYS A 42 -35.52 8.30 12.89
N ASP A 43 -35.72 8.88 14.06
CA ASP A 43 -36.06 10.31 14.19
C ASP A 43 -34.92 10.92 14.97
N ARG A 44 -34.90 12.24 15.03
CA ARG A 44 -33.83 12.97 15.74
C ARG A 44 -33.84 12.80 17.27
N ASN A 45 -34.92 12.27 17.85
CA ASN A 45 -34.92 11.98 19.31
C ASN A 45 -34.12 10.74 19.69
N VAL A 46 -33.99 9.79 18.78
CA VAL A 46 -33.25 8.54 19.04
C VAL A 46 -31.91 8.39 18.30
N ALA A 47 -31.71 9.16 17.24
CA ALA A 47 -30.49 9.08 16.40
C ALA A 47 -29.21 9.32 17.19
N THR A 48 -28.23 8.43 17.01
CA THR A 48 -26.85 8.62 17.48
C THR A 48 -25.99 9.34 16.42
N PRO A 49 -24.77 9.77 16.80
CA PRO A 49 -23.83 10.28 15.77
C PRO A 49 -23.57 9.30 14.62
N ARG A 50 -23.54 8.00 14.93
CA ARG A 50 -23.42 6.97 13.91
C ARG A 50 -24.55 7.02 12.88
N ASP A 51 -25.79 7.22 13.34
CA ASP A 51 -26.92 7.37 12.42
C ASP A 51 -26.72 8.59 11.54
N TYR A 52 -26.20 9.66 12.13
CA TYR A 52 -25.94 10.90 11.39
C TYR A 52 -24.83 10.74 10.35
N TYR A 53 -23.76 10.02 10.70
CA TYR A 53 -22.75 9.63 9.73
C TYR A 53 -23.39 8.87 8.55
N PHE A 54 -24.20 7.85 8.83
CA PHE A 54 -24.83 7.07 7.76
C PHE A 54 -25.79 7.90 6.90
N ALA A 55 -26.52 8.82 7.51
CA ALA A 55 -27.40 9.72 6.73
C ALA A 55 -26.57 10.55 5.76
N LEU A 56 -25.45 11.09 6.24
CA LEU A 56 -24.53 11.86 5.38
C LEU A 56 -23.95 11.00 4.25
N ALA A 57 -23.40 9.84 4.61
CA ALA A 57 -22.83 8.90 3.62
C ALA A 57 -23.80 8.53 2.51
N HIS A 58 -25.04 8.19 2.87
CA HIS A 58 -26.07 7.93 1.86
C HIS A 58 -26.39 9.15 1.00
N THR A 59 -26.36 10.34 1.60
CA THR A 59 -26.63 11.60 0.87
C THR A 59 -25.53 11.85 -0.15
N VAL A 60 -24.28 11.69 0.27
CA VAL A 60 -23.14 11.84 -0.64
C VAL A 60 -23.16 10.74 -1.72
N ARG A 61 -23.45 9.51 -1.33
CA ARG A 61 -23.50 8.39 -2.27
C ARG A 61 -24.48 8.62 -3.42
N ASP A 62 -25.66 9.17 -3.12
CA ASP A 62 -26.62 9.51 -4.18
C ASP A 62 -26.01 10.38 -5.27
N HIS A 63 -25.13 11.31 -4.91
CA HIS A 63 -24.46 12.15 -5.95
C HIS A 63 -23.50 11.37 -6.88
N LEU A 64 -22.94 10.26 -6.39
CA LEU A 64 -22.10 9.36 -7.23
C LEU A 64 -22.85 8.61 -8.32
N VAL A 65 -24.04 8.11 -7.99
CA VAL A 65 -24.63 7.03 -8.79
C VAL A 65 -25.04 7.48 -10.17
N GLY A 66 -25.47 8.73 -10.29
CA GLY A 66 -25.80 9.29 -11.61
C GLY A 66 -24.59 9.29 -12.52
N ARG A 67 -23.46 9.74 -11.98
CA ARG A 67 -22.19 9.72 -12.72
C ARG A 67 -21.68 8.29 -12.95
N TRP A 68 -21.85 7.44 -11.95
CA TRP A 68 -21.48 6.02 -12.05
C TRP A 68 -22.20 5.33 -13.20
N ILE A 69 -23.52 5.50 -13.28
CA ILE A 69 -24.31 4.86 -14.35
C ILE A 69 -23.95 5.38 -15.73
N ARG A 70 -23.75 6.70 -15.84
CA ARG A 70 -23.38 7.24 -17.16
C ARG A 70 -21.93 6.99 -17.53
N THR A 71 -21.04 6.85 -16.54
CA THR A 71 -19.67 6.47 -16.89
C THR A 71 -19.69 5.08 -17.55
N GLN A 72 -20.33 4.11 -16.92
CA GLN A 72 -20.34 2.73 -17.44
C GLN A 72 -21.12 2.65 -18.74
N GLN A 73 -22.19 3.43 -18.87
CA GLN A 73 -22.94 3.54 -20.13
C GLN A 73 -22.02 4.11 -21.23
N HIS A 74 -21.29 5.16 -20.90
CA HIS A 74 -20.29 5.75 -21.81
C HIS A 74 -19.29 4.70 -22.32
N TYR A 75 -18.75 3.87 -21.41
CA TYR A 75 -17.78 2.83 -21.81
C TYR A 75 -18.43 1.78 -22.68
N TYR A 76 -19.69 1.46 -22.41
CA TYR A 76 -20.40 0.51 -23.26
C TYR A 76 -20.53 1.00 -24.71
N GLU A 77 -20.77 2.30 -24.90
CA GLU A 77 -21.07 2.89 -26.22
C GLU A 77 -19.77 3.09 -26.98
N LYS A 78 -18.83 3.78 -26.35
CA LYS A 78 -17.52 4.07 -26.93
C LYS A 78 -16.59 2.86 -27.02
N ASP A 79 -16.80 1.85 -26.20
CA ASP A 79 -15.98 0.64 -26.19
C ASP A 79 -14.44 0.87 -26.21
N PRO A 80 -13.91 1.66 -25.28
CA PRO A 80 -12.46 1.85 -25.24
C PRO A 80 -11.73 0.58 -24.76
N LYS A 81 -10.42 0.59 -24.90
CA LYS A 81 -9.60 -0.46 -24.33
C LYS A 81 -9.78 -0.45 -22.81
N ARG A 82 -10.00 -1.62 -22.22
CA ARG A 82 -10.29 -1.69 -20.79
C ARG A 82 -9.08 -2.18 -20.01
N ILE A 83 -8.75 -1.52 -18.91
CA ILE A 83 -7.64 -1.88 -18.04
C ILE A 83 -8.15 -2.63 -16.78
N TYR A 84 -7.66 -3.84 -16.58
CA TYR A 84 -8.03 -4.64 -15.40
C TYR A 84 -6.85 -4.76 -14.48
N TYR A 85 -6.96 -4.14 -13.31
CA TYR A 85 -5.91 -4.12 -12.33
C TYR A 85 -6.24 -5.16 -11.25
N LEU A 86 -5.47 -6.23 -11.22
CA LEU A 86 -5.74 -7.39 -10.35
C LEU A 86 -4.82 -7.34 -9.14
N SER A 87 -5.40 -7.31 -7.97
CA SER A 87 -4.64 -7.24 -6.73
C SER A 87 -5.38 -8.03 -5.67
N LEU A 88 -4.63 -8.71 -4.79
CA LEU A 88 -5.23 -9.34 -3.61
C LEU A 88 -5.47 -8.37 -2.47
N GLU A 89 -5.03 -7.13 -2.63
CA GLU A 89 -5.19 -6.10 -1.60
C GLU A 89 -5.56 -4.78 -2.22
N PHE A 90 -6.56 -4.12 -1.61
CA PHE A 90 -6.89 -2.72 -1.88
C PHE A 90 -7.06 -2.04 -0.53
N TYR A 91 -6.08 -1.24 -0.12
CA TYR A 91 -6.11 -0.65 1.20
C TYR A 91 -6.73 0.74 1.08
N MET A 92 -8.06 0.78 1.17
CA MET A 92 -8.83 1.93 0.74
C MET A 92 -8.94 3.03 1.81
N GLY A 93 -8.90 2.67 3.09
CA GLY A 93 -9.20 3.61 4.17
C GLY A 93 -10.66 4.08 4.13
N ARG A 94 -10.91 5.27 4.66
CA ARG A 94 -12.24 5.90 4.60
C ARG A 94 -12.58 6.51 3.24
N THR A 95 -13.87 6.50 2.92
CA THR A 95 -14.38 6.93 1.61
C THR A 95 -15.14 8.27 1.61
N LEU A 96 -15.70 8.68 2.75
CA LEU A 96 -16.65 9.80 2.76
C LEU A 96 -15.99 11.10 2.30
N GLN A 97 -14.90 11.46 2.96
CA GLN A 97 -14.21 12.72 2.67
C GLN A 97 -13.60 12.73 1.26
N ASN A 98 -13.00 11.61 0.89
CA ASN A 98 -12.48 11.44 -0.47
C ASN A 98 -13.53 11.68 -1.54
N THR A 99 -14.72 11.15 -1.30
CA THR A 99 -15.80 11.31 -2.24
C THR A 99 -16.24 12.79 -2.30
N MET A 100 -16.35 13.44 -1.14
CA MET A 100 -16.71 14.86 -1.12
C MET A 100 -15.66 15.68 -1.86
N VAL A 101 -14.38 15.42 -1.60
CA VAL A 101 -13.29 16.17 -2.25
C VAL A 101 -13.39 16.02 -3.76
N ASN A 102 -13.50 14.79 -4.23
CA ASN A 102 -13.55 14.51 -5.68
C ASN A 102 -14.80 15.03 -6.39
N LEU A 103 -15.88 15.24 -5.64
CA LEU A 103 -17.14 15.76 -6.22
C LEU A 103 -17.35 17.27 -5.96
N ALA A 104 -16.45 17.91 -5.22
CA ALA A 104 -16.49 19.35 -4.93
C ALA A 104 -17.63 19.70 -3.96
N LEU A 105 -17.86 18.82 -2.99
CA LEU A 105 -19.02 18.90 -2.09
C LEU A 105 -18.66 19.19 -0.67
N GLU A 106 -17.39 19.30 -0.36
CA GLU A 106 -16.94 19.31 1.01
C GLU A 106 -17.48 20.54 1.81
N ASN A 107 -17.41 21.73 1.21
CA ASN A 107 -17.88 22.95 1.90
C ASN A 107 -19.39 22.94 2.01
N ALA A 108 -20.06 22.54 0.94
CA ALA A 108 -21.53 22.44 0.92
C ALA A 108 -22.04 21.52 2.03
N CYS A 109 -21.45 20.32 2.15
CA CYS A 109 -21.81 19.35 3.22
C CYS A 109 -21.47 19.86 4.62
N ASP A 110 -20.35 20.55 4.75
CA ASP A 110 -19.96 21.19 5.99
C ASP A 110 -21.02 22.21 6.47
N GLU A 111 -21.46 23.04 5.53
CA GLU A 111 -22.49 24.06 5.76
C GLU A 111 -23.83 23.40 6.07
N ALA A 112 -24.27 22.50 5.18
CA ALA A 112 -25.49 21.71 5.40
C ALA A 112 -25.51 21.06 6.77
N THR A 113 -24.44 20.38 7.17
CA THR A 113 -24.40 19.72 8.48
C THR A 113 -24.32 20.72 9.65
N TYR A 114 -23.54 21.78 9.47
CA TYR A 114 -23.50 22.89 10.45
C TYR A 114 -24.90 23.42 10.73
N GLN A 115 -25.67 23.68 9.69
CA GLN A 115 -27.05 24.18 9.81
C GLN A 115 -28.05 23.21 10.46
N LEU A 116 -27.74 21.91 10.43
CA LEU A 116 -28.50 20.88 11.18
C LEU A 116 -27.98 20.69 12.60
N GLY A 117 -27.00 21.49 13.03
CA GLY A 117 -26.43 21.37 14.37
C GLY A 117 -25.43 20.24 14.54
N LEU A 118 -24.74 19.89 13.46
CA LEU A 118 -23.82 18.75 13.47
C LEU A 118 -22.45 19.21 13.03
N ASP A 119 -21.42 18.60 13.61
CA ASP A 119 -20.03 18.85 13.26
C ASP A 119 -19.58 17.72 12.30
N MET A 120 -19.32 18.07 11.06
CA MET A 120 -19.00 17.07 10.04
C MET A 120 -17.72 16.28 10.34
N GLU A 121 -16.70 16.95 10.87
CA GLU A 121 -15.43 16.28 11.22
C GLU A 121 -15.62 15.16 12.22
N GLU A 122 -16.55 15.36 13.15
CA GLU A 122 -16.90 14.34 14.14
C GLU A 122 -17.57 13.14 13.46
N LEU A 123 -18.45 13.40 12.49
CA LEU A 123 -19.12 12.32 11.74
C LEU A 123 -18.12 11.54 10.87
N GLU A 124 -17.15 12.23 10.28
CA GLU A 124 -16.09 11.56 9.51
C GLU A 124 -15.33 10.51 10.33
N GLU A 125 -15.07 10.83 11.59
CA GLU A 125 -14.37 9.94 12.51
C GLU A 125 -15.06 8.64 12.85
N ILE A 126 -16.36 8.54 12.56
CA ILE A 126 -17.12 7.30 12.82
C ILE A 126 -16.92 6.23 11.73
N GLU A 127 -16.60 6.64 10.51
CA GLU A 127 -16.40 5.68 9.41
C GLU A 127 -15.22 4.72 9.71
N GLU A 128 -15.42 3.44 9.46
CA GLU A 128 -14.36 2.42 9.58
C GLU A 128 -13.40 2.57 8.39
N ASP A 129 -12.10 2.35 8.60
CA ASP A 129 -11.22 2.08 7.45
C ASP A 129 -11.63 0.81 6.75
N ALA A 130 -11.68 0.86 5.44
CA ALA A 130 -11.69 -0.38 4.68
C ALA A 130 -10.20 -0.80 4.67
N GLY A 131 -9.86 -1.77 5.52
CA GLY A 131 -8.49 -2.24 5.70
C GLY A 131 -8.19 -3.52 4.97
N LEU A 132 -8.48 -3.57 3.67
CA LEU A 132 -8.24 -4.74 2.85
C LEU A 132 -6.83 -4.81 2.25
N GLY A 133 -5.83 -4.41 3.03
CA GLY A 133 -4.44 -4.55 2.65
C GLY A 133 -3.55 -4.48 3.87
N ASN A 134 -2.28 -4.76 3.64
CA ASN A 134 -1.28 -4.85 4.70
C ASN A 134 -0.47 -3.56 4.89
N GLY A 135 -0.11 -2.94 3.78
CA GLY A 135 0.70 -1.74 3.83
C GLY A 135 0.83 -1.14 2.46
N GLY A 136 2.06 -1.15 1.94
CA GLY A 136 2.46 -0.38 0.76
C GLY A 136 1.83 -0.85 -0.52
N LEU A 137 1.84 -2.17 -0.72
CA LEU A 137 1.27 -2.76 -1.91
C LEU A 137 -0.23 -2.49 -2.03
N GLY A 138 -0.96 -2.71 -0.93
CA GLY A 138 -2.38 -2.45 -0.90
C GLY A 138 -2.74 -0.98 -1.04
N ARG A 139 -1.96 -0.11 -0.39
CA ARG A 139 -2.23 1.33 -0.45
C ARG A 139 -1.94 1.79 -1.85
N LEU A 140 -0.88 1.28 -2.46
CA LEU A 140 -0.53 1.69 -3.80
C LEU A 140 -1.65 1.39 -4.79
N ALA A 141 -2.27 0.21 -4.65
CA ALA A 141 -3.40 -0.15 -5.49
C ALA A 141 -4.55 0.86 -5.35
N ALA A 142 -4.82 1.30 -4.14
CA ALA A 142 -5.85 2.31 -3.92
C ALA A 142 -5.50 3.66 -4.56
N CSO A 143 -4.25 4.10 -4.39
CA CSO A 143 -3.72 5.32 -5.04
CB CSO A 143 -2.22 5.56 -4.74
SG CSO A 143 -1.82 6.31 -3.18
C CSO A 143 -3.94 5.22 -6.52
O CSO A 143 -4.44 6.16 -7.12
OD CSO A 143 -3.35 6.53 -2.47
N PHE A 144 -3.60 4.06 -7.10
CA PHE A 144 -3.71 3.84 -8.53
C PHE A 144 -5.15 3.91 -9.06
N LEU A 145 -6.12 3.34 -8.35
CA LEU A 145 -7.51 3.47 -8.78
C LEU A 145 -7.95 4.95 -8.87
N ASP A 146 -7.55 5.74 -7.88
CA ASP A 146 -7.87 7.17 -7.83
C ASP A 146 -7.27 7.87 -9.06
N SER A 147 -6.01 7.56 -9.36
CA SER A 147 -5.37 8.21 -10.50
C SER A 147 -5.96 7.75 -11.82
N MET A 148 -6.30 6.47 -11.94
CA MET A 148 -6.90 5.99 -13.18
C MET A 148 -8.25 6.64 -13.51
N ALA A 149 -9.07 6.89 -12.49
CA ALA A 149 -10.34 7.60 -12.63
C ALA A 149 -10.13 9.09 -12.98
N THR A 150 -9.19 9.72 -12.30
CA THR A 150 -8.81 11.09 -12.55
C THR A 150 -8.29 11.31 -13.99
N LEU A 151 -7.63 10.29 -14.55
CA LEU A 151 -7.11 10.36 -15.89
C LEU A 151 -8.03 9.77 -16.94
N GLY A 152 -9.28 9.48 -16.58
CA GLY A 152 -10.29 9.07 -17.53
C GLY A 152 -10.07 7.75 -18.23
N LEU A 153 -9.39 6.84 -17.55
CA LEU A 153 -9.14 5.52 -18.12
C LEU A 153 -10.30 4.60 -17.77
N ALA A 154 -10.64 3.71 -18.69
CA ALA A 154 -11.70 2.73 -18.48
C ALA A 154 -11.12 1.56 -17.69
N ALA A 155 -10.93 1.79 -16.39
CA ALA A 155 -10.21 0.89 -15.51
C ALA A 155 -11.10 0.28 -14.45
N TYR A 156 -10.82 -0.99 -14.15
CA TYR A 156 -11.53 -1.76 -13.13
C TYR A 156 -10.54 -2.39 -12.18
N GLY A 157 -10.69 -2.14 -10.90
CA GLY A 157 -9.96 -2.83 -9.84
C GLY A 157 -10.71 -4.11 -9.50
N TYR A 158 -10.01 -5.24 -9.48
CA TYR A 158 -10.61 -6.55 -9.15
C TYR A 158 -9.85 -7.18 -8.01
N GLY A 159 -10.57 -7.59 -6.97
CA GLY A 159 -10.01 -8.18 -5.78
C GLY A 159 -11.02 -9.07 -5.04
N ILE A 160 -10.74 -9.26 -3.76
CA ILE A 160 -11.53 -10.07 -2.87
C ILE A 160 -12.13 -9.17 -1.81
N ARG A 161 -13.42 -9.36 -1.53
CA ARG A 161 -14.09 -8.72 -0.40
C ARG A 161 -13.86 -9.56 0.83
N TYR A 162 -12.77 -9.29 1.54
CA TYR A 162 -12.50 -9.98 2.76
C TYR A 162 -13.50 -9.51 3.83
N GLU A 163 -14.05 -10.47 4.54
CA GLU A 163 -14.93 -10.19 5.67
C GLU A 163 -14.15 -9.54 6.82
N PHE A 164 -12.91 -9.99 7.04
CA PHE A 164 -12.02 -9.39 8.02
C PHE A 164 -10.73 -8.91 7.35
N GLY A 165 -10.48 -7.60 7.46
CA GLY A 165 -9.29 -6.97 6.91
C GLY A 165 -8.13 -7.14 7.85
N ILE A 166 -7.12 -6.28 7.72
CA ILE A 166 -5.97 -6.32 8.61
C ILE A 166 -6.46 -6.14 10.06
N PHE A 167 -5.91 -6.93 10.96
CA PHE A 167 -6.30 -6.91 12.36
C PHE A 167 -6.12 -5.52 13.02
N ASN A 168 -7.00 -5.18 13.96
CA ASN A 168 -6.77 -4.06 14.85
C ASN A 168 -5.70 -4.44 15.86
N GLN A 169 -4.71 -3.57 16.00
CA GLN A 169 -3.62 -3.74 16.95
C GLN A 169 -3.91 -3.08 18.30
N LYS A 170 -3.86 -3.87 19.36
CA LYS A 170 -3.91 -3.39 20.73
C LYS A 170 -2.55 -3.65 21.35
N ILE A 171 -2.06 -2.70 22.15
CA ILE A 171 -0.83 -2.90 22.91
C ILE A 171 -1.21 -3.14 24.38
N CYS A 172 -0.83 -4.30 24.93
CA CYS A 172 -1.11 -4.66 26.32
C CYS A 172 0.20 -4.98 26.96
N GLY A 173 0.58 -4.22 27.99
CA GLY A 173 1.84 -4.42 28.69
C GLY A 173 3.04 -4.32 27.77
N GLY A 174 2.94 -3.46 26.76
CA GLY A 174 3.99 -3.33 25.74
C GLY A 174 4.02 -4.38 24.63
N TRP A 175 3.08 -5.33 24.66
CA TRP A 175 3.02 -6.41 23.66
C TRP A 175 1.86 -6.17 22.71
N GLN A 176 2.09 -6.44 21.42
CA GLN A 176 1.01 -6.44 20.42
C GLN A 176 0.02 -7.56 20.70
N MET A 177 -1.26 -7.22 20.68
CA MET A 177 -2.35 -8.18 20.66
C MET A 177 -3.21 -7.85 19.42
N GLU A 178 -3.73 -8.89 18.78
CA GLU A 178 -4.50 -8.77 17.57
C GLU A 178 -5.97 -8.93 17.89
N GLU A 179 -6.80 -8.11 17.27
CA GLU A 179 -8.20 -8.45 17.24
C GLU A 179 -8.80 -8.27 15.87
N ALA A 180 -9.83 -9.06 15.63
CA ALA A 180 -10.50 -9.12 14.35
C ALA A 180 -11.07 -7.77 14.00
N ASP A 181 -10.83 -7.38 12.76
CA ASP A 181 -11.31 -6.13 12.21
C ASP A 181 -12.64 -6.41 11.50
N ASP A 182 -13.72 -6.28 12.26
CA ASP A 182 -15.08 -6.62 11.82
C ASP A 182 -15.70 -5.37 11.14
N TRP A 183 -15.09 -4.99 10.02
CA TRP A 183 -15.36 -3.71 9.37
C TRP A 183 -16.75 -3.59 8.75
N LEU A 184 -17.41 -4.71 8.49
CA LEU A 184 -18.76 -4.72 7.93
C LEU A 184 -19.87 -4.73 8.97
N ARG A 185 -19.52 -4.73 10.26
CA ARG A 185 -20.50 -4.90 11.35
C ARG A 185 -21.72 -3.98 11.19
N TYR A 186 -21.47 -2.68 10.96
CA TYR A 186 -22.54 -1.68 10.82
C TYR A 186 -23.02 -1.49 9.39
N GLY A 187 -22.54 -2.29 8.45
CA GLY A 187 -22.81 -2.12 7.04
C GLY A 187 -21.82 -1.22 6.31
N ASN A 188 -21.75 -1.39 5.01
CA ASN A 188 -20.89 -0.61 4.13
C ASN A 188 -21.80 0.08 3.12
N PRO A 189 -22.05 1.39 3.29
CA PRO A 189 -22.95 2.09 2.39
C PRO A 189 -22.38 2.30 1.00
N TRP A 190 -21.08 2.14 0.80
CA TRP A 190 -20.43 2.42 -0.48
C TRP A 190 -20.57 1.30 -1.51
N GLU A 191 -20.65 0.05 -1.07
CA GLU A 191 -20.77 -1.09 -2.00
C GLU A 191 -22.20 -1.32 -2.48
N LYS A 192 -22.32 -1.93 -3.66
CA LYS A 192 -23.56 -2.49 -4.14
C LYS A 192 -23.34 -3.96 -4.47
N ALA A 193 -24.05 -4.84 -3.75
CA ALA A 193 -24.07 -6.28 -4.04
C ALA A 193 -24.63 -6.48 -5.41
N ARG A 194 -24.03 -7.39 -6.17
CA ARG A 194 -24.51 -7.71 -7.50
C ARG A 194 -24.68 -9.24 -7.64
N PRO A 195 -25.58 -9.86 -6.83
CA PRO A 195 -25.77 -11.32 -6.83
C PRO A 195 -26.22 -11.89 -8.18
N GLU A 196 -26.86 -11.07 -9.00
CA GLU A 196 -27.14 -11.38 -10.39
C GLU A 196 -25.94 -11.66 -11.31
N PHE A 197 -24.72 -11.29 -10.93
CA PHE A 197 -23.53 -11.53 -11.77
C PHE A 197 -22.59 -12.56 -11.13
N THR A 198 -23.19 -13.44 -10.33
CA THR A 198 -22.46 -14.49 -9.63
C THR A 198 -21.95 -15.53 -10.63
N LEU A 199 -20.73 -15.99 -10.41
CA LEU A 199 -20.02 -16.83 -11.37
C LEU A 199 -19.45 -18.03 -10.62
N PRO A 200 -19.36 -19.22 -11.28
CA PRO A 200 -18.73 -20.38 -10.64
C PRO A 200 -17.21 -20.42 -10.78
N VAL A 201 -16.56 -20.89 -9.74
CA VAL A 201 -15.13 -21.14 -9.70
C VAL A 201 -14.92 -22.61 -9.33
N HIS A 202 -13.98 -23.27 -10.01
CA HIS A 202 -13.71 -24.71 -9.79
C HIS A 202 -12.44 -24.98 -9.07
N PHE A 203 -12.44 -26.05 -8.27
CA PHE A 203 -11.29 -26.54 -7.53
C PHE A 203 -11.25 -28.08 -7.56
N TYR A 204 -10.05 -28.64 -7.38
CA TYR A 204 -9.81 -30.10 -7.29
C TYR A 204 -10.14 -30.77 -8.63
N GLY A 205 -10.76 -31.94 -8.60
CA GLY A 205 -11.11 -32.66 -9.81
C GLY A 205 -9.91 -33.32 -10.44
N ARG A 206 -10.03 -33.63 -11.73
CA ARG A 206 -8.95 -34.30 -12.45
C ARG A 206 -9.09 -33.99 -13.92
N VAL A 207 -8.04 -34.26 -14.67
CA VAL A 207 -8.01 -33.99 -16.10
C VAL A 207 -8.27 -35.25 -16.91
N GLU A 208 -9.25 -35.21 -17.82
CA GLU A 208 -9.46 -36.25 -18.83
C GLU A 208 -9.06 -35.74 -20.19
N HIS A 209 -8.32 -36.55 -20.93
CA HIS A 209 -7.95 -36.24 -22.32
C HIS A 209 -8.83 -37.01 -23.27
N THR A 210 -9.61 -36.30 -24.08
CA THR A 210 -10.43 -36.89 -25.13
C THR A 210 -9.77 -36.58 -26.47
N SER A 211 -10.42 -37.01 -27.55
CA SER A 211 -10.07 -36.55 -28.90
C SER A 211 -10.47 -35.08 -29.12
N GLN A 212 -11.41 -34.61 -28.30
CA GLN A 212 -11.84 -33.21 -28.25
C GLN A 212 -10.94 -32.28 -27.39
N GLY A 213 -9.77 -32.77 -26.95
CA GLY A 213 -8.86 -32.03 -26.07
C GLY A 213 -9.01 -32.40 -24.60
N ALA A 214 -8.38 -31.63 -23.72
CA ALA A 214 -8.46 -31.87 -22.26
C ALA A 214 -9.77 -31.32 -21.68
N LYS A 215 -10.29 -32.00 -20.67
CA LYS A 215 -11.51 -31.61 -19.96
C LYS A 215 -11.18 -31.69 -18.48
N TRP A 216 -11.53 -30.64 -17.72
CA TRP A 216 -11.34 -30.63 -16.25
C TRP A 216 -12.68 -31.01 -15.61
N VAL A 217 -12.72 -32.14 -14.92
CA VAL A 217 -13.98 -32.75 -14.45
C VAL A 217 -13.87 -33.14 -13.00
N ASP A 218 -15.02 -33.48 -12.43
CA ASP A 218 -15.20 -33.88 -11.02
C ASP A 218 -14.78 -32.78 -10.04
N THR A 219 -14.99 -31.52 -10.40
CA THR A 219 -14.53 -30.41 -9.56
C THR A 219 -15.55 -30.07 -8.48
N GLN A 220 -15.09 -29.42 -7.43
CA GLN A 220 -15.95 -28.74 -6.47
C GLN A 220 -16.17 -27.31 -6.95
N VAL A 221 -17.39 -26.83 -6.84
CA VAL A 221 -17.78 -25.49 -7.28
C VAL A 221 -17.92 -24.60 -6.04
N VAL A 222 -17.25 -23.45 -6.06
CA VAL A 222 -17.54 -22.33 -5.17
C VAL A 222 -18.05 -21.17 -6.02
N LEU A 223 -19.08 -20.46 -5.55
CA LEU A 223 -19.60 -19.32 -6.29
C LEU A 223 -18.88 -18.02 -5.90
N ALA A 224 -18.67 -17.15 -6.88
CA ALA A 224 -18.07 -15.86 -6.68
C ALA A 224 -19.14 -14.78 -6.89
N MET A 225 -19.52 -14.12 -5.80
CA MET A 225 -20.53 -13.06 -5.85
C MET A 225 -19.85 -11.68 -5.85
N PRO A 226 -20.12 -10.84 -6.86
CA PRO A 226 -19.42 -9.54 -6.88
C PRO A 226 -20.11 -8.45 -6.05
N TYR A 227 -19.29 -7.60 -5.45
CA TYR A 227 -19.72 -6.36 -4.83
C TYR A 227 -18.96 -5.22 -5.50
N ASP A 228 -19.70 -4.24 -6.02
CA ASP A 228 -19.12 -3.08 -6.71
C ASP A 228 -19.06 -1.82 -5.82
N THR A 229 -17.91 -1.15 -5.85
CA THR A 229 -17.69 0.07 -5.13
C THR A 229 -17.31 1.15 -6.16
N PRO A 230 -17.91 2.35 -6.06
CA PRO A 230 -17.58 3.42 -7.01
C PRO A 230 -16.24 4.07 -6.69
N VAL A 231 -15.51 4.43 -7.75
CA VAL A 231 -14.22 5.11 -7.63
C VAL A 231 -14.23 6.42 -8.43
N PRO A 232 -14.47 7.54 -7.75
CA PRO A 232 -14.66 8.79 -8.50
C PRO A 232 -13.34 9.49 -8.86
N GLY A 233 -13.26 9.99 -10.08
CA GLY A 233 -12.15 10.86 -10.48
C GLY A 233 -12.26 12.24 -9.87
N TYR A 234 -11.16 12.98 -9.91
CA TYR A 234 -11.12 14.33 -9.34
C TYR A 234 -11.81 15.33 -10.27
N ARG A 235 -13.02 15.69 -9.89
CA ARG A 235 -13.82 16.74 -10.53
C ARG A 235 -13.98 16.61 -12.04
N ASN A 236 -14.03 15.37 -12.51
CA ASN A 236 -14.21 15.10 -13.93
C ASN A 236 -15.47 14.31 -14.27
N ASN A 237 -16.32 14.05 -13.25
CA ASN A 237 -17.52 13.22 -13.40
C ASN A 237 -17.29 11.80 -13.94
N VAL A 238 -16.08 11.28 -13.79
CA VAL A 238 -15.81 9.89 -14.13
C VAL A 238 -15.97 9.14 -12.83
N VAL A 239 -16.66 8.02 -12.88
CA VAL A 239 -16.77 7.12 -11.72
C VAL A 239 -16.53 5.72 -12.23
N ASN A 240 -15.41 5.14 -11.83
CA ASN A 240 -15.01 3.80 -12.23
C ASN A 240 -15.45 2.81 -11.16
N THR A 241 -15.17 1.54 -11.38
CA THR A 241 -15.65 0.45 -10.52
C THR A 241 -14.52 -0.36 -9.94
N MET A 242 -14.60 -0.64 -8.63
CA MET A 242 -13.79 -1.67 -8.00
C MET A 242 -14.75 -2.81 -7.73
N ARG A 243 -14.49 -3.98 -8.32
CA ARG A 243 -15.33 -5.16 -8.10
C ARG A 243 -14.58 -6.17 -7.24
N LEU A 244 -15.15 -6.49 -6.08
CA LEU A 244 -14.57 -7.40 -5.11
C LEU A 244 -15.48 -8.63 -4.96
N TRP A 245 -14.87 -9.81 -5.04
CA TRP A 245 -15.61 -11.04 -5.04
C TRP A 245 -15.74 -11.59 -3.63
N SER A 246 -16.91 -12.13 -3.34
CA SER A 246 -17.22 -12.85 -2.10
C SER A 246 -17.56 -14.30 -2.42
N ALA A 247 -17.09 -15.20 -1.58
CA ALA A 247 -17.27 -16.65 -1.79
C ALA A 247 -18.61 -17.12 -1.22
N LYS A 248 -19.38 -17.88 -2.01
CA LYS A 248 -20.66 -18.45 -1.58
C LYS A 248 -20.73 -19.93 -1.95
N ALA A 249 -21.30 -20.75 -1.09
CA ALA A 249 -21.46 -22.18 -1.39
C ALA A 249 -22.66 -22.33 -2.32
N PRO A 250 -22.62 -23.27 -3.29
CA PRO A 250 -23.86 -23.53 -4.06
C PRO A 250 -24.96 -24.18 -3.19
N ASN A 251 -26.22 -24.09 -3.59
CA ASN A 251 -27.34 -24.54 -2.71
C ASN A 251 -27.57 -26.05 -2.59
N ASP A 252 -27.03 -26.80 -3.54
CA ASP A 252 -26.93 -28.26 -3.43
C ASP A 252 -25.65 -28.74 -2.68
N PHE A 253 -24.81 -27.82 -2.19
CA PHE A 253 -23.52 -28.14 -1.51
C PHE A 253 -23.69 -29.07 -0.31
N ASN A 254 -22.90 -30.15 -0.30
CA ASN A 254 -23.06 -31.29 0.61
C ASN A 254 -24.41 -32.05 0.51
N LEU A 255 -25.29 -31.63 -0.40
CA LEU A 255 -26.69 -32.08 -0.44
C LEU A 255 -27.06 -32.66 -1.82
N GLY A 262 -25.83 -35.49 9.05
CA GLY A 262 -26.79 -35.43 7.95
C GLY A 262 -27.12 -34.01 7.47
N TYR A 263 -28.41 -33.67 7.44
CA TYR A 263 -28.89 -32.42 6.83
C TYR A 263 -28.29 -31.18 7.53
N ILE A 264 -28.37 -31.13 8.86
CA ILE A 264 -27.88 -29.97 9.64
C ILE A 264 -26.38 -29.76 9.38
N GLN A 265 -25.59 -30.84 9.48
CA GLN A 265 -24.14 -30.74 9.28
C GLN A 265 -23.78 -30.28 7.85
N ALA A 266 -24.53 -30.75 6.85
CA ALA A 266 -24.33 -30.31 5.46
C ALA A 266 -24.52 -28.80 5.27
N VAL A 267 -25.51 -28.23 5.99
CA VAL A 267 -25.75 -26.80 5.94
C VAL A 267 -24.61 -26.05 6.61
N LEU A 268 -24.17 -26.53 7.77
CA LEU A 268 -23.10 -25.88 8.53
C LEU A 268 -21.75 -25.93 7.81
N ASP A 269 -21.50 -27.02 7.10
CA ASP A 269 -20.29 -27.21 6.30
C ASP A 269 -20.17 -26.29 5.10
N ARG A 270 -21.23 -25.55 4.75
CA ARG A 270 -21.12 -24.48 3.77
C ARG A 270 -20.00 -23.47 4.12
N ASN A 271 -19.74 -23.29 5.43
CA ASN A 271 -18.67 -22.42 5.91
CA ASN A 271 -18.67 -22.40 5.87
C ASN A 271 -17.30 -22.76 5.30
N LEU A 272 -17.07 -24.04 5.03
CA LEU A 272 -15.82 -24.46 4.41
C LEU A 272 -15.53 -23.70 3.12
N ALA A 273 -16.49 -23.64 2.20
CA ALA A 273 -16.32 -22.92 0.93
C ALA A 273 -16.23 -21.43 1.14
N GLU A 274 -17.04 -20.90 2.04
CA GLU A 274 -17.16 -19.45 2.22
C GLU A 274 -15.97 -18.87 2.97
N ASN A 275 -15.18 -19.74 3.60
CA ASN A 275 -13.93 -19.35 4.21
C ASN A 275 -12.89 -18.74 3.26
N ILE A 276 -13.05 -18.97 1.97
CA ILE A 276 -12.14 -18.39 0.98
C ILE A 276 -12.00 -16.87 1.08
N SER A 277 -13.13 -16.17 1.26
CA SER A 277 -13.13 -14.70 1.38
C SER A 277 -13.22 -14.20 2.81
N ARG A 278 -12.85 -15.02 3.79
CA ARG A 278 -13.13 -14.68 5.15
C ARG A 278 -12.13 -13.67 5.68
N VAL A 279 -10.85 -13.88 5.41
CA VAL A 279 -9.81 -13.12 6.10
C VAL A 279 -8.58 -12.85 5.21
N LEU A 280 -8.08 -11.61 5.29
CA LEU A 280 -6.84 -11.18 4.65
C LEU A 280 -5.66 -11.81 5.39
N TYR A 281 -4.79 -12.48 4.65
CA TYR A 281 -3.50 -12.90 5.19
C TYR A 281 -2.66 -11.69 5.62
N PRO A 282 -2.25 -11.66 6.89
CA PRO A 282 -1.64 -10.47 7.49
C PRO A 282 -0.11 -10.33 7.30
N ASN A 283 0.42 -10.90 6.22
CA ASN A 283 1.83 -10.86 5.94
C ASN A 283 2.18 -9.77 4.93
N ASP A 284 3.09 -8.91 5.33
CA ASP A 284 3.57 -7.86 4.47
C ASP A 284 4.89 -8.38 3.94
N ASN A 285 5.04 -8.55 2.64
CA ASN A 285 6.36 -8.88 2.09
C ASN A 285 6.92 -10.23 2.64
N PHE A 286 6.05 -11.23 2.80
CA PHE A 286 6.47 -12.54 3.29
C PHE A 286 5.55 -13.63 2.73
N PHE A 287 6.16 -14.70 2.21
CA PHE A 287 5.42 -15.80 1.59
C PHE A 287 5.18 -16.92 2.59
N GLU A 288 3.92 -17.28 2.77
CA GLU A 288 3.50 -18.40 3.58
C GLU A 288 2.72 -19.31 2.62
N GLY A 289 3.23 -20.50 2.36
CA GLY A 289 2.64 -21.40 1.38
C GLY A 289 1.41 -22.17 1.87
N LYS A 290 0.36 -21.49 2.30
CA LYS A 290 -0.84 -22.15 2.82
C LYS A 290 -1.88 -22.36 1.72
N GLU A 291 -2.56 -23.50 1.77
CA GLU A 291 -3.59 -23.83 0.79
C GLU A 291 -4.71 -22.80 0.65
N LEU A 292 -5.22 -22.29 1.76
CA LEU A 292 -6.28 -21.31 1.73
C LEU A 292 -5.85 -20.05 0.94
N ARG A 293 -4.59 -19.63 1.10
CA ARG A 293 -4.04 -18.53 0.33
C ARG A 293 -4.03 -18.80 -1.18
N LEU A 294 -3.64 -20.01 -1.55
CA LEU A 294 -3.67 -20.42 -2.95
C LEU A 294 -5.10 -20.41 -3.47
N LYS A 295 -6.07 -20.89 -2.68
CA LYS A 295 -7.47 -20.79 -3.08
C LYS A 295 -7.94 -19.35 -3.29
N GLN A 296 -7.49 -18.43 -2.45
CA GLN A 296 -7.85 -17.03 -2.62
C GLN A 296 -7.32 -16.50 -3.94
N GLU A 297 -6.07 -16.85 -4.24
CA GLU A 297 -5.42 -16.41 -5.46
C GLU A 297 -6.14 -16.90 -6.73
N TYR A 298 -6.51 -18.18 -6.74
CA TYR A 298 -7.20 -18.72 -7.89
C TYR A 298 -8.63 -18.17 -8.01
N PHE A 299 -9.31 -18.07 -6.88
CA PHE A 299 -10.65 -17.55 -6.79
C PHE A 299 -10.78 -16.17 -7.45
N VAL A 300 -9.92 -15.23 -7.09
CA VAL A 300 -9.98 -13.90 -7.69
C VAL A 300 -9.67 -13.92 -9.20
N VAL A 301 -8.71 -14.75 -9.59
CA VAL A 301 -8.30 -14.86 -10.97
C VAL A 301 -9.39 -15.47 -11.87
N ALA A 302 -9.99 -16.54 -11.40
CA ALA A 302 -10.94 -17.29 -12.21
C ALA A 302 -12.24 -16.51 -12.39
N ALA A 303 -12.76 -15.94 -11.32
CA ALA A 303 -13.97 -15.11 -11.43
C ALA A 303 -13.73 -13.86 -12.30
N THR A 304 -12.63 -13.17 -12.07
CA THR A 304 -12.26 -11.98 -12.82
C THR A 304 -12.14 -12.23 -14.33
N LEU A 305 -11.43 -13.29 -14.71
CA LEU A 305 -11.26 -13.60 -16.13
C LEU A 305 -12.55 -13.97 -16.86
N GLN A 306 -13.48 -14.67 -16.21
CA GLN A 306 -14.78 -14.89 -16.84
C GLN A 306 -15.51 -13.59 -17.06
N ASP A 307 -15.40 -12.69 -16.09
CA ASP A 307 -16.03 -11.36 -16.20
C ASP A 307 -15.45 -10.57 -17.37
N ILE A 308 -14.13 -10.62 -17.49
CA ILE A 308 -13.40 -9.94 -18.57
C ILE A 308 -13.83 -10.46 -19.94
N ILE A 309 -13.91 -11.77 -20.07
CA ILE A 309 -14.27 -12.41 -21.32
C ILE A 309 -15.73 -12.16 -21.68
N ARG A 310 -16.63 -12.24 -20.70
CA ARG A 310 -18.05 -11.89 -20.89
C ARG A 310 -18.17 -10.52 -21.52
N ARG A 311 -17.50 -9.53 -20.90
CA ARG A 311 -17.57 -8.14 -21.31
C ARG A 311 -16.96 -7.94 -22.69
N PHE A 312 -15.89 -8.68 -22.99
CA PHE A 312 -15.26 -8.65 -24.32
C PHE A 312 -16.20 -9.19 -25.42
N LYS A 313 -16.86 -10.32 -25.16
CA LYS A 313 -17.78 -10.91 -26.12
C LYS A 313 -19.03 -10.03 -26.39
N SER A 314 -19.40 -9.16 -25.44
CA SER A 314 -20.56 -8.30 -25.57
C SER A 314 -20.22 -6.91 -26.13
N SER A 315 -19.37 -6.83 -27.15
CA SER A 315 -18.87 -5.53 -27.64
C SER A 315 -18.95 -5.35 -29.16
N THR A 325 -15.13 -15.80 -31.36
CA THR A 325 -14.25 -16.42 -32.34
C THR A 325 -12.95 -15.64 -32.43
N ASN A 326 -13.04 -14.36 -32.77
CA ASN A 326 -11.86 -13.55 -33.05
C ASN A 326 -11.25 -12.96 -31.77
N PHE A 327 -10.40 -13.77 -31.16
CA PHE A 327 -9.58 -13.34 -30.04
C PHE A 327 -8.30 -12.63 -30.45
N ASP A 328 -8.06 -12.43 -31.74
CA ASP A 328 -6.93 -11.62 -32.21
C ASP A 328 -7.04 -10.18 -31.73
N ALA A 329 -8.26 -9.69 -31.56
CA ALA A 329 -8.49 -8.33 -31.06
C ALA A 329 -8.50 -8.23 -29.52
N PHE A 330 -8.36 -9.35 -28.82
CA PHE A 330 -8.46 -9.39 -27.35
C PHE A 330 -7.46 -8.43 -26.71
N PRO A 331 -6.15 -8.50 -27.11
CA PRO A 331 -5.19 -7.52 -26.56
C PRO A 331 -5.36 -6.05 -26.98
N ASP A 332 -6.12 -5.77 -28.04
CA ASP A 332 -6.49 -4.40 -28.36
C ASP A 332 -7.60 -3.87 -27.47
N LYS A 333 -8.38 -4.76 -26.87
CA LYS A 333 -9.50 -4.39 -26.02
C LYS A 333 -9.29 -4.63 -24.51
N VAL A 334 -8.27 -5.37 -24.14
CA VAL A 334 -8.01 -5.76 -22.75
C VAL A 334 -6.52 -5.62 -22.37
N ALA A 335 -6.27 -4.98 -21.23
CA ALA A 335 -4.97 -5.08 -20.53
C ALA A 335 -5.23 -5.63 -19.14
N ILE A 336 -4.44 -6.64 -18.75
CA ILE A 336 -4.46 -7.17 -17.39
C ILE A 336 -3.15 -6.84 -16.71
N GLN A 337 -3.21 -6.06 -15.64
CA GLN A 337 -2.03 -5.74 -14.86
C GLN A 337 -1.99 -6.59 -13.59
N LEU A 338 -0.92 -7.36 -13.41
CA LEU A 338 -0.75 -8.23 -12.24
C LEU A 338 0.03 -7.50 -11.18
N ASN A 339 -0.61 -7.24 -10.05
CA ASN A 339 0.02 -6.52 -8.94
C ASN A 339 0.77 -7.53 -8.08
N ASP A 340 2.08 -7.65 -8.32
CA ASP A 340 2.91 -8.70 -7.75
C ASP A 340 2.51 -10.03 -8.37
N THR A 341 3.01 -11.13 -7.82
CA THR A 341 2.75 -12.47 -8.37
C THR A 341 1.47 -13.09 -7.82
N HIS A 342 0.80 -12.42 -6.89
CA HIS A 342 -0.35 -13.01 -6.23
C HIS A 342 -1.45 -13.47 -7.21
N PRO A 343 -1.70 -12.71 -8.31
CA PRO A 343 -2.64 -13.15 -9.33
C PRO A 343 -1.99 -13.76 -10.56
N SER A 344 -0.80 -14.32 -10.40
CA SER A 344 -0.03 -14.92 -11.49
C SER A 344 -0.75 -16.06 -12.18
N LEU A 345 -1.68 -16.71 -11.49
CA LEU A 345 -2.48 -17.76 -12.10
C LEU A 345 -3.38 -17.25 -13.21
N ALA A 346 -3.52 -15.94 -13.37
CA ALA A 346 -4.17 -15.37 -14.57
C ALA A 346 -3.57 -15.89 -15.89
N ILE A 347 -2.25 -16.08 -15.90
CA ILE A 347 -1.55 -16.56 -17.11
C ILE A 347 -2.03 -17.95 -17.56
N PRO A 348 -1.87 -18.98 -16.72
CA PRO A 348 -2.37 -20.29 -17.12
C PRO A 348 -3.91 -20.42 -17.17
N GLU A 349 -4.64 -19.63 -16.37
CA GLU A 349 -6.09 -19.61 -16.49
C GLU A 349 -6.53 -19.04 -17.84
N LEU A 350 -5.91 -17.96 -18.28
CA LEU A 350 -6.24 -17.42 -19.60
C LEU A 350 -5.91 -18.46 -20.70
N MET A 351 -4.77 -19.13 -20.60
CA MET A 351 -4.45 -20.22 -21.52
C MET A 351 -5.48 -21.36 -21.49
N ARG A 352 -5.88 -21.75 -20.27
CA ARG A 352 -6.88 -22.80 -20.11
C ARG A 352 -8.19 -22.47 -20.80
N VAL A 353 -8.68 -21.26 -20.58
CA VAL A 353 -9.92 -20.81 -21.20
C VAL A 353 -9.77 -20.77 -22.72
N LEU A 354 -8.71 -20.16 -23.23
CA LEU A 354 -8.53 -20.05 -24.67
C LEU A 354 -8.34 -21.41 -25.36
N VAL A 355 -7.56 -22.29 -24.75
CA VAL A 355 -7.24 -23.60 -25.37
C VAL A 355 -8.35 -24.63 -25.15
N ASP A 356 -8.69 -24.88 -23.88
CA ASP A 356 -9.67 -25.91 -23.55
C ASP A 356 -11.10 -25.56 -23.84
N LEU A 357 -11.49 -24.29 -23.72
CA LEU A 357 -12.91 -23.93 -23.85
C LEU A 357 -13.21 -23.26 -25.18
N GLU A 358 -12.38 -22.31 -25.61
CA GLU A 358 -12.55 -21.64 -26.90
C GLU A 358 -11.90 -22.38 -28.05
N ARG A 359 -11.03 -23.35 -27.75
CA ARG A 359 -10.41 -24.23 -28.77
C ARG A 359 -9.45 -23.49 -29.73
N LEU A 360 -8.79 -22.46 -29.23
CA LEU A 360 -7.67 -21.85 -29.95
C LEU A 360 -6.48 -22.78 -29.87
N ASP A 361 -5.65 -22.74 -30.90
CA ASP A 361 -4.40 -23.49 -30.86
C ASP A 361 -3.46 -22.78 -29.88
N TRP A 362 -2.55 -23.55 -29.33
CA TRP A 362 -1.66 -23.12 -28.28
C TRP A 362 -0.93 -21.83 -28.63
N ASP A 363 -0.31 -21.77 -29.81
CA ASP A 363 0.56 -20.64 -30.17
C ASP A 363 -0.20 -19.31 -30.29
N LYS A 364 -1.41 -19.38 -30.82
CA LYS A 364 -2.27 -18.21 -30.92
C LYS A 364 -2.71 -17.73 -29.51
N ALA A 365 -3.19 -18.66 -28.69
CA ALA A 365 -3.54 -18.42 -27.28
C ALA A 365 -2.40 -17.77 -26.50
N TRP A 366 -1.20 -18.29 -26.66
CA TRP A 366 -0.02 -17.76 -25.98
C TRP A 366 0.32 -16.35 -26.41
N GLU A 367 0.21 -16.09 -27.71
CA GLU A 367 0.39 -14.75 -28.24
C GLU A 367 -0.59 -13.76 -27.63
N VAL A 368 -1.86 -14.15 -27.59
CA VAL A 368 -2.89 -13.32 -26.97
C VAL A 368 -2.58 -13.06 -25.49
N THR A 369 -2.15 -14.10 -24.79
CA THR A 369 -1.89 -14.02 -23.35
C THR A 369 -0.77 -13.05 -23.03
N VAL A 370 0.35 -13.21 -23.71
CA VAL A 370 1.53 -12.39 -23.51
C VAL A 370 1.24 -10.91 -23.80
N LYS A 371 0.51 -10.64 -24.87
CA LYS A 371 0.14 -9.28 -25.23
C LYS A 371 -0.88 -8.64 -24.30
N THR A 372 -1.66 -9.47 -23.62
CA THR A 372 -2.63 -8.98 -22.65
C THR A 372 -2.04 -8.66 -21.26
N CYS A 373 -1.10 -9.49 -20.82
CA CYS A 373 -0.61 -9.46 -19.42
C CYS A 373 0.66 -8.67 -19.21
N ALA A 374 0.74 -7.99 -18.08
CA ALA A 374 1.93 -7.29 -17.64
C ALA A 374 2.06 -7.47 -16.12
N TYR A 375 3.30 -7.47 -15.65
CA TYR A 375 3.63 -7.84 -14.27
C TYR A 375 4.44 -6.75 -13.58
N THR A 376 3.99 -6.35 -12.39
CA THR A 376 4.74 -5.45 -11.55
C THR A 376 5.35 -6.20 -10.37
N ASN A 377 6.68 -6.12 -10.27
CA ASN A 377 7.44 -6.63 -9.11
C ASN A 377 7.56 -5.59 -8.01
N HIS A 378 7.40 -6.01 -6.76
CA HIS A 378 7.39 -5.14 -5.62
C HIS A 378 8.50 -5.32 -4.60
N THR A 379 9.31 -6.36 -4.75
CA THR A 379 10.37 -6.62 -3.76
C THR A 379 11.35 -7.63 -4.32
N VAL A 380 12.61 -7.49 -3.91
CA VAL A 380 13.66 -8.45 -4.21
C VAL A 380 14.03 -9.36 -3.04
N LEU A 381 13.43 -9.17 -1.86
CA LEU A 381 13.72 -10.05 -0.73
C LEU A 381 13.24 -11.49 -1.02
N PRO A 382 14.13 -12.49 -0.87
CA PRO A 382 13.82 -13.90 -1.22
C PRO A 382 12.64 -14.50 -0.45
N GLU A 383 12.52 -14.18 0.83
CA GLU A 383 11.39 -14.67 1.63
C GLU A 383 10.00 -14.18 1.17
N ALA A 384 9.94 -13.15 0.33
CA ALA A 384 8.68 -12.67 -0.24
C ALA A 384 8.30 -13.40 -1.56
N LEU A 385 9.25 -14.11 -2.19
CA LEU A 385 9.02 -14.77 -3.48
C LEU A 385 8.03 -15.91 -3.35
N GLU A 386 6.99 -15.93 -4.19
CA GLU A 386 6.01 -17.02 -4.14
C GLU A 386 6.54 -18.21 -4.91
N ARG A 387 6.75 -19.30 -4.21
CA ARG A 387 7.20 -20.56 -4.78
C ARG A 387 6.30 -21.66 -4.27
N TRP A 388 5.27 -22.00 -5.02
CA TRP A 388 4.25 -22.95 -4.56
C TRP A 388 4.72 -24.40 -4.76
N PRO A 389 4.56 -25.28 -3.74
CA PRO A 389 4.83 -26.72 -3.93
C PRO A 389 3.99 -27.33 -5.04
N VAL A 390 4.63 -28.08 -5.92
CA VAL A 390 3.96 -28.79 -6.99
C VAL A 390 2.80 -29.66 -6.47
N HIS A 391 2.97 -30.34 -5.34
CA HIS A 391 1.91 -31.27 -4.85
C HIS A 391 0.60 -30.55 -4.53
N LEU A 392 0.69 -29.32 -4.02
CA LEU A 392 -0.49 -28.47 -3.81
C LEU A 392 -1.23 -28.14 -5.11
N LEU A 393 -0.48 -27.68 -6.11
CA LEU A 393 -1.06 -27.35 -7.43
C LEU A 393 -1.63 -28.58 -8.08
N GLU A 394 -0.92 -29.70 -7.92
CA GLU A 394 -1.35 -30.99 -8.43
C GLU A 394 -2.74 -31.38 -7.95
N THR A 395 -2.98 -31.20 -6.66
CA THR A 395 -4.25 -31.53 -6.04
C THR A 395 -5.33 -30.48 -6.30
N LEU A 396 -4.99 -29.20 -6.16
CA LEU A 396 -5.98 -28.15 -6.26
C LEU A 396 -6.33 -27.79 -7.71
N LEU A 397 -5.33 -27.73 -8.57
CA LEU A 397 -5.48 -27.13 -9.90
C LEU A 397 -4.70 -27.97 -10.89
N PRO A 398 -5.11 -29.26 -11.03
CA PRO A 398 -4.38 -30.20 -11.88
C PRO A 398 -4.22 -29.76 -13.35
N ARG A 399 -5.22 -29.09 -13.93
CA ARG A 399 -5.09 -28.63 -15.30
C ARG A 399 -4.05 -27.48 -15.40
N HIS A 400 -4.05 -26.59 -14.42
CA HIS A 400 -3.12 -25.47 -14.41
C HIS A 400 -1.69 -25.93 -14.33
N LEU A 401 -1.44 -26.98 -13.54
CA LEU A 401 -0.07 -27.54 -13.43
C LEU A 401 0.43 -28.05 -14.79
N GLN A 402 -0.43 -28.75 -15.53
CA GLN A 402 -0.10 -29.25 -16.88
C GLN A 402 0.24 -28.11 -17.81
N ILE A 403 -0.54 -27.04 -17.73
CA ILE A 403 -0.33 -25.88 -18.57
C ILE A 403 1.00 -25.22 -18.22
N ILE A 404 1.31 -25.14 -16.92
CA ILE A 404 2.55 -24.54 -16.46
C ILE A 404 3.78 -25.32 -16.97
N TYR A 405 3.68 -26.64 -16.92
CA TYR A 405 4.76 -27.51 -17.42
C TYR A 405 5.01 -27.29 -18.91
N GLU A 406 3.93 -27.22 -19.68
CA GLU A 406 3.99 -26.94 -21.11
C GLU A 406 4.57 -25.54 -21.39
N ILE A 407 4.13 -24.54 -20.64
CA ILE A 407 4.71 -23.18 -20.78
C ILE A 407 6.22 -23.26 -20.54
N ASN A 408 6.60 -23.96 -19.47
CA ASN A 408 8.00 -24.07 -19.09
C ASN A 408 8.87 -24.73 -20.17
N GLN A 409 8.37 -25.81 -20.73
CA GLN A 409 9.10 -26.56 -21.75
C GLN A 409 9.32 -25.72 -23.01
N ARG A 410 8.29 -25.02 -23.48
CA ARG A 410 8.45 -24.17 -24.65
C ARG A 410 9.34 -22.97 -24.38
N PHE A 411 9.29 -22.47 -23.15
CA PHE A 411 10.14 -21.36 -22.73
C PHE A 411 11.63 -21.77 -22.69
N LEU A 412 11.92 -22.88 -22.04
CA LEU A 412 13.28 -23.39 -21.97
C LEU A 412 13.84 -23.81 -23.34
N ASN A 413 12.99 -24.28 -24.25
CA ASN A 413 13.42 -24.47 -25.66
C ASN A 413 13.90 -23.19 -26.31
N ARG A 414 13.27 -22.06 -26.00
CA ARG A 414 13.74 -20.78 -26.51
C ARG A 414 15.06 -20.37 -25.88
N VAL A 415 15.22 -20.65 -24.59
CA VAL A 415 16.46 -20.33 -23.87
C VAL A 415 17.62 -21.17 -24.46
N ALA A 416 17.37 -22.47 -24.67
CA ALA A 416 18.34 -23.39 -25.27
C ALA A 416 18.83 -22.96 -26.64
N ALA A 417 17.91 -22.50 -27.50
CA ALA A 417 18.26 -21.97 -28.83
C ALA A 417 19.03 -20.65 -28.78
N ALA A 418 18.76 -19.80 -27.79
CA ALA A 418 19.45 -18.51 -27.68
C ALA A 418 20.83 -18.63 -27.03
N PHE A 419 20.99 -19.58 -26.10
CA PHE A 419 22.25 -19.79 -25.39
C PHE A 419 22.62 -21.28 -25.41
N PRO A 420 23.01 -21.81 -26.60
CA PRO A 420 23.23 -23.26 -26.67
C PRO A 420 24.34 -23.72 -25.75
N GLY A 421 24.12 -24.87 -25.11
CA GLY A 421 25.06 -25.44 -24.16
C GLY A 421 25.05 -24.89 -22.75
N ASP A 422 24.33 -23.78 -22.50
CA ASP A 422 24.37 -23.14 -21.19
C ASP A 422 23.35 -23.82 -20.29
N VAL A 423 23.77 -24.97 -19.75
CA VAL A 423 22.87 -25.82 -18.96
C VAL A 423 22.54 -25.24 -17.61
N ASP A 424 23.44 -24.45 -17.05
CA ASP A 424 23.17 -23.79 -15.77
C ASP A 424 22.07 -22.72 -15.91
N ARG A 425 22.09 -21.99 -17.03
CA ARG A 425 21.05 -21.00 -17.33
C ARG A 425 19.70 -21.68 -17.39
N LEU A 426 19.64 -22.86 -18.02
CA LEU A 426 18.40 -23.62 -18.11
C LEU A 426 17.77 -23.91 -16.74
N ARG A 427 18.56 -24.38 -15.79
CA ARG A 427 17.99 -24.64 -14.46
C ARG A 427 17.74 -23.36 -13.66
N ARG A 428 18.52 -22.30 -13.88
CA ARG A 428 18.25 -21.02 -13.23
C ARG A 428 16.93 -20.36 -13.71
N MET A 429 16.61 -20.52 -14.99
CA MET A 429 15.49 -19.83 -15.60
C MET A 429 14.20 -20.64 -15.53
N SER A 430 14.31 -21.93 -15.23
CA SER A 430 13.16 -22.81 -15.23
C SER A 430 12.04 -22.31 -14.28
N LEU A 431 10.80 -22.52 -14.67
CA LEU A 431 9.68 -22.19 -13.77
C LEU A 431 9.57 -23.25 -12.68
N VAL A 432 10.10 -24.45 -12.94
CA VAL A 432 10.11 -25.54 -11.96
C VAL A 432 11.43 -25.52 -11.22
N GLU A 433 11.38 -25.34 -9.91
CA GLU A 433 12.56 -25.46 -9.06
C GLU A 433 12.67 -26.87 -8.50
N GLU A 434 13.81 -27.52 -8.77
CA GLU A 434 14.06 -28.88 -8.27
C GLU A 434 14.50 -28.80 -6.80
N GLY A 435 14.44 -29.93 -6.11
CA GLY A 435 14.82 -29.98 -4.69
C GLY A 435 14.04 -31.06 -3.97
N ALA A 436 14.18 -31.06 -2.64
CA ALA A 436 13.42 -31.96 -1.77
C ALA A 436 11.93 -31.90 -2.13
N VAL A 437 11.37 -30.69 -2.09
CA VAL A 437 10.03 -30.45 -2.66
C VAL A 437 10.19 -29.63 -3.94
N LYS A 438 9.60 -30.12 -5.04
CA LYS A 438 9.51 -29.34 -6.27
C LYS A 438 8.55 -28.17 -6.05
N ARG A 439 8.92 -27.02 -6.59
CA ARG A 439 8.10 -25.82 -6.48
C ARG A 439 7.99 -25.14 -7.84
N ILE A 440 6.94 -24.34 -8.01
CA ILE A 440 6.80 -23.44 -9.14
C ILE A 440 7.18 -22.04 -8.71
N ASN A 441 8.12 -21.43 -9.41
CA ASN A 441 8.49 -20.03 -9.19
C ASN A 441 7.52 -19.11 -9.97
N MET A 442 6.67 -18.40 -9.23
CA MET A 442 5.58 -17.62 -9.86
C MET A 442 6.11 -16.35 -10.53
N ALA A 443 7.22 -15.81 -10.05
CA ALA A 443 7.85 -14.68 -10.69
C ALA A 443 8.36 -15.06 -12.09
N HIS A 444 8.93 -16.26 -12.25
CA HIS A 444 9.42 -16.72 -13.56
C HIS A 444 8.28 -16.95 -14.52
N LEU A 445 7.18 -17.51 -14.00
CA LEU A 445 5.93 -17.63 -14.75
C LEU A 445 5.43 -16.25 -15.27
N CYS A 446 5.40 -15.25 -14.39
CA CYS A 446 4.97 -13.89 -14.76
C CYS A 446 5.85 -13.27 -15.83
N ILE A 447 7.17 -13.41 -15.72
CA ILE A 447 8.07 -12.88 -16.74
C ILE A 447 7.81 -13.53 -18.11
N ALA A 448 7.72 -14.86 -18.13
CA ALA A 448 7.48 -15.60 -19.38
C ALA A 448 6.17 -15.23 -20.05
N GLY A 449 5.11 -15.07 -19.27
CA GLY A 449 3.78 -14.82 -19.80
C GLY A 449 3.34 -13.38 -19.93
N SER A 450 4.25 -12.42 -19.71
CA SER A 450 3.95 -10.98 -19.80
C SER A 450 4.80 -10.27 -20.86
N HIS A 451 4.21 -9.28 -21.52
CA HIS A 451 4.93 -8.44 -22.49
C HIS A 451 5.69 -7.32 -21.79
N ALA A 452 5.39 -7.05 -20.52
CA ALA A 452 6.08 -6.00 -19.79
C ALA A 452 6.25 -6.41 -18.34
N VAL A 453 7.43 -6.13 -17.81
CA VAL A 453 7.78 -6.38 -16.42
C VAL A 453 8.40 -5.11 -15.89
N ASN A 454 7.84 -4.57 -14.81
CA ASN A 454 8.39 -3.37 -14.23
C ASN A 454 8.69 -3.45 -12.74
N GLY A 455 9.75 -2.74 -12.35
CA GLY A 455 10.01 -2.37 -10.98
C GLY A 455 9.35 -1.02 -10.67
N VAL A 456 9.49 -0.59 -9.43
CA VAL A 456 8.66 0.46 -8.85
C VAL A 456 9.48 1.68 -8.45
N ALA A 457 10.78 1.65 -8.76
CA ALA A 457 11.68 2.78 -8.62
C ALA A 457 12.94 2.49 -9.42
N ARG A 458 13.62 3.54 -9.89
CA ARG A 458 14.73 3.37 -10.84
C ARG A 458 15.77 2.39 -10.33
N ILE A 459 16.23 2.59 -9.10
CA ILE A 459 17.24 1.72 -8.51
C ILE A 459 16.77 0.26 -8.41
N HIS A 460 15.49 0.04 -8.11
CA HIS A 460 14.92 -1.29 -7.99
C HIS A 460 14.84 -1.95 -9.36
N SER A 461 14.36 -1.21 -10.35
CA SER A 461 14.27 -1.73 -11.70
C SER A 461 15.65 -2.11 -12.28
N GLU A 462 16.69 -1.34 -11.92
CA GLU A 462 18.07 -1.68 -12.25
C GLU A 462 18.56 -2.90 -11.51
N ILE A 463 18.27 -2.99 -10.22
CA ILE A 463 18.56 -4.22 -9.46
C ILE A 463 17.95 -5.48 -10.11
N LEU A 464 16.72 -5.38 -10.65
CA LEU A 464 16.07 -6.54 -11.28
C LEU A 464 16.85 -7.03 -12.50
N LYS A 465 17.37 -6.08 -13.27
CA LYS A 465 18.10 -6.39 -14.49
C LYS A 465 19.53 -6.87 -14.22
N LYS A 466 20.11 -6.42 -13.12
CA LYS A 466 21.50 -6.77 -12.74
C LYS A 466 21.62 -8.07 -11.98
N THR A 467 20.69 -8.33 -11.06
CA THR A 467 20.77 -9.49 -10.18
C THR A 467 19.66 -10.53 -10.43
N ILE A 468 18.50 -10.39 -9.79
CA ILE A 468 17.57 -11.51 -9.72
C ILE A 468 16.93 -11.94 -11.04
N PHE A 469 16.71 -11.01 -11.97
CA PHE A 469 16.16 -11.38 -13.29
C PHE A 469 17.14 -11.11 -14.44
N LYS A 470 18.42 -11.07 -14.12
CA LYS A 470 19.48 -10.87 -15.12
C LYS A 470 19.36 -11.81 -16.32
N ASP A 471 19.12 -13.08 -16.07
CA ASP A 471 19.00 -14.08 -17.15
C ASP A 471 17.86 -13.75 -18.10
N PHE A 472 16.73 -13.30 -17.53
CA PHE A 472 15.52 -12.99 -18.27
C PHE A 472 15.71 -11.72 -19.05
N TYR A 473 16.36 -10.74 -18.44
CA TYR A 473 16.74 -9.51 -19.14
C TYR A 473 17.66 -9.76 -20.36
N GLU A 474 18.59 -10.71 -20.25
CA GLU A 474 19.46 -11.05 -21.39
C GLU A 474 18.68 -11.71 -22.51
N LEU A 475 17.68 -12.52 -22.17
CA LEU A 475 16.84 -13.14 -23.20
C LEU A 475 15.88 -12.16 -23.86
N GLU A 476 15.23 -11.29 -23.08
CA GLU A 476 14.16 -10.43 -23.61
C GLU A 476 14.29 -9.03 -23.00
N PRO A 477 15.30 -8.25 -23.41
CA PRO A 477 15.57 -6.94 -22.79
C PRO A 477 14.41 -5.95 -22.86
N HIS A 478 13.75 -5.95 -24.01
CA HIS A 478 12.54 -5.16 -24.29
C HIS A 478 11.40 -5.22 -23.25
N LYS A 479 11.24 -6.34 -22.55
CA LYS A 479 10.19 -6.49 -21.50
C LYS A 479 10.37 -5.63 -20.29
N PHE A 480 11.61 -5.30 -19.96
CA PHE A 480 11.93 -4.72 -18.68
C PHE A 480 11.81 -3.19 -18.64
N GLN A 481 10.95 -2.70 -17.75
CA GLN A 481 10.71 -1.27 -17.61
C GLN A 481 10.85 -0.83 -16.17
N ASN A 482 10.88 0.49 -15.99
CA ASN A 482 10.68 1.13 -14.71
C ASN A 482 9.39 1.95 -14.71
N LYS A 483 8.67 1.90 -13.58
CA LYS A 483 7.56 2.82 -13.31
C LYS A 483 7.67 3.22 -11.86
N THR A 484 8.33 4.34 -11.61
CA THR A 484 8.48 4.83 -10.24
C THR A 484 7.12 5.13 -9.63
N ASN A 485 6.92 4.65 -8.42
CA ASN A 485 5.68 4.84 -7.70
C ASN A 485 5.37 6.32 -7.47
N GLY A 486 4.14 6.56 -7.09
CA GLY A 486 3.65 7.88 -6.72
C GLY A 486 2.48 7.74 -5.78
N ILE A 487 1.99 8.87 -5.28
CA ILE A 487 0.86 8.94 -4.37
C ILE A 487 -0.12 9.96 -4.90
N THR A 488 -1.38 9.86 -4.47
CA THR A 488 -2.41 10.77 -4.96
C THR A 488 -2.39 12.04 -4.14
N PRO A 489 -2.28 13.20 -4.81
CA PRO A 489 -2.34 14.46 -4.08
C PRO A 489 -3.73 14.84 -3.56
N ARG A 490 -4.77 14.08 -3.94
CA ARG A 490 -6.09 14.28 -3.36
C ARG A 490 -6.09 13.82 -1.90
N ARG A 491 -5.93 12.52 -1.67
CA ARG A 491 -5.89 12.01 -0.30
C ARG A 491 -4.73 12.55 0.52
N TRP A 492 -3.53 12.61 -0.07
CA TRP A 492 -2.31 12.89 0.69
C TRP A 492 -1.87 14.36 0.75
N LEU A 493 -2.70 15.27 0.24
CA LEU A 493 -2.52 16.71 0.51
C LEU A 493 -3.85 17.41 0.81
N VAL A 494 -4.74 17.45 -0.16
CA VAL A 494 -6.00 18.21 -0.03
C VAL A 494 -6.84 17.68 1.12
N LEU A 495 -6.98 16.36 1.18
CA LEU A 495 -7.84 15.74 2.16
C LEU A 495 -7.24 15.81 3.55
N CYS A 496 -5.98 15.42 3.71
CA CYS A 496 -5.40 15.35 5.06
C CYS A 496 -4.70 16.63 5.54
N ASN A 497 -4.41 17.54 4.62
CA ASN A 497 -3.71 18.78 4.99
C ASN A 497 -4.36 19.98 4.27
N PRO A 498 -5.64 20.25 4.58
CA PRO A 498 -6.34 21.35 3.89
C PRO A 498 -5.64 22.72 4.06
N GLY A 499 -5.08 22.97 5.23
CA GLY A 499 -4.28 24.18 5.49
C GLY A 499 -3.12 24.43 4.53
N LEU A 500 -2.32 23.39 4.26
CA LEU A 500 -1.21 23.51 3.35
C LEU A 500 -1.70 23.66 1.94
N ALA A 501 -2.75 22.94 1.60
CA ALA A 501 -3.29 23.03 0.24
C ALA A 501 -3.78 24.45 -0.07
N GLU A 502 -4.36 25.11 0.93
CA GLU A 502 -4.95 26.44 0.80
C GLU A 502 -3.86 27.50 0.59
N ILE A 503 -2.85 27.52 1.48
CA ILE A 503 -1.79 28.53 1.36
C ILE A 503 -0.99 28.36 0.07
N ILE A 504 -0.94 27.14 -0.46
CA ILE A 504 -0.38 26.94 -1.81
C ILE A 504 -1.33 27.48 -2.86
N ALA A 505 -2.62 27.17 -2.72
CA ALA A 505 -3.61 27.61 -3.72
C ALA A 505 -3.65 29.15 -3.82
N GLU A 506 -3.54 29.83 -2.69
CA GLU A 506 -3.46 31.30 -2.65
C GLU A 506 -2.42 31.89 -3.60
N ARG A 507 -1.26 31.26 -3.70
CA ARG A 507 -0.15 31.76 -4.51
C ARG A 507 -0.23 31.28 -5.95
N ILE A 508 -0.54 30.00 -6.16
CA ILE A 508 -0.50 29.43 -7.51
C ILE A 508 -1.83 28.88 -8.07
N GLY A 509 -2.92 29.06 -7.35
CA GLY A 509 -4.22 28.55 -7.83
C GLY A 509 -4.35 27.05 -7.56
N GLU A 510 -5.36 26.44 -8.15
CA GLU A 510 -5.80 25.07 -7.82
C GLU A 510 -5.42 24.00 -8.82
N GLU A 511 -4.81 24.37 -9.94
CA GLU A 511 -4.49 23.43 -11.03
C GLU A 511 -3.51 22.33 -10.63
N TYR A 512 -2.70 22.60 -9.61
CA TYR A 512 -1.69 21.65 -9.13
C TYR A 512 -2.28 20.36 -8.54
N ILE A 513 -3.54 20.40 -8.11
CA ILE A 513 -4.18 19.24 -7.51
C ILE A 513 -4.28 18.07 -8.50
N SER A 514 -4.41 18.35 -9.80
CA SER A 514 -4.38 17.30 -10.83
C SER A 514 -3.23 17.51 -11.83
N ASP A 515 -2.24 18.30 -11.45
CA ASP A 515 -1.03 18.52 -12.25
C ASP A 515 0.08 18.93 -11.28
N LEU A 516 0.58 17.95 -10.53
CA LEU A 516 1.42 18.24 -9.36
C LEU A 516 2.79 18.87 -9.67
N ASP A 517 3.28 18.75 -10.90
CA ASP A 517 4.49 19.49 -11.35
C ASP A 517 4.40 21.01 -11.16
N GLN A 518 3.19 21.57 -11.19
CA GLN A 518 2.98 22.99 -10.90
C GLN A 518 3.49 23.45 -9.55
N LEU A 519 3.70 22.52 -8.60
CA LEU A 519 4.38 22.87 -7.34
C LEU A 519 5.78 23.49 -7.50
N ARG A 520 6.45 23.25 -8.63
CA ARG A 520 7.73 23.91 -8.97
C ARG A 520 7.66 25.43 -8.92
N LYS A 521 6.49 25.98 -9.22
CA LYS A 521 6.25 27.42 -9.09
C LYS A 521 6.50 27.96 -7.68
N LEU A 522 6.43 27.10 -6.65
CA LEU A 522 6.73 27.52 -5.28
C LEU A 522 8.21 27.84 -5.00
N LEU A 523 9.12 27.43 -5.88
CA LEU A 523 10.54 27.82 -5.74
C LEU A 523 10.71 29.36 -5.71
N SER A 524 9.90 30.05 -6.51
CA SER A 524 9.93 31.51 -6.56
C SER A 524 9.41 32.19 -5.28
N TYR A 525 8.97 31.41 -4.28
CA TYR A 525 8.53 31.96 -2.99
C TYR A 525 9.41 31.54 -1.83
N VAL A 526 10.56 30.92 -2.13
CA VAL A 526 11.50 30.43 -1.10
C VAL A 526 12.12 31.56 -0.23
N ASP A 527 12.22 32.77 -0.80
CA ASP A 527 12.67 33.94 -0.05
C ASP A 527 11.52 34.88 0.37
N ASP A 528 10.27 34.46 0.19
CA ASP A 528 9.12 35.25 0.57
C ASP A 528 8.86 35.04 2.06
N GLU A 529 8.98 36.12 2.83
CA GLU A 529 8.85 36.05 4.29
C GLU A 529 7.44 35.67 4.77
N ALA A 530 6.41 36.07 4.00
CA ALA A 530 5.02 35.75 4.34
C ALA A 530 4.75 34.27 4.15
N PHE A 531 5.16 33.74 3.00
CA PHE A 531 5.04 32.31 2.69
C PHE A 531 5.77 31.44 3.72
N ILE A 532 7.04 31.77 4.00
CA ILE A 532 7.84 31.09 5.02
C ILE A 532 7.06 31.01 6.33
N ARG A 533 6.50 32.15 6.74
CA ARG A 533 5.70 32.22 7.96
C ARG A 533 4.42 31.36 7.89
N ASP A 534 3.73 31.37 6.74
CA ASP A 534 2.52 30.57 6.54
C ASP A 534 2.79 29.06 6.57
N VAL A 535 3.81 28.62 5.83
CA VAL A 535 4.24 27.20 5.84
C VAL A 535 4.53 26.74 7.27
N ALA A 536 5.31 27.52 8.00
CA ALA A 536 5.64 27.20 9.39
C ALA A 536 4.42 27.23 10.31
N LYS A 537 3.47 28.11 10.03
CA LYS A 537 2.24 28.15 10.83
C LYS A 537 1.33 26.92 10.60
N VAL A 538 1.20 26.51 9.34
CA VAL A 538 0.43 25.31 9.02
C VAL A 538 0.99 24.09 9.75
N LYS A 539 2.30 23.89 9.68
CA LYS A 539 2.95 22.80 10.41
C LYS A 539 2.62 22.84 11.90
N GLN A 540 2.80 24.01 12.51
CA GLN A 540 2.54 24.15 13.93
C GLN A 540 1.07 23.91 14.29
N GLU A 541 0.14 24.37 13.45
CA GLU A 541 -1.28 24.05 13.67
C GLU A 541 -1.51 22.53 13.57
N ASN A 542 -0.91 21.88 12.58
CA ASN A 542 -1.02 20.42 12.43
C ASN A 542 -0.49 19.68 13.64
N LYS A 543 0.63 20.17 14.16
CA LYS A 543 1.27 19.56 15.33
C LYS A 543 0.44 19.69 16.60
N LEU A 544 -0.17 20.88 16.79
CA LEU A 544 -1.06 21.11 17.94
C LEU A 544 -2.28 20.24 17.86
N LYS A 545 -2.88 20.15 16.66
CA LYS A 545 -4.02 19.26 16.47
C LYS A 545 -3.66 17.81 16.80
N PHE A 546 -2.50 17.33 16.35
CA PHE A 546 -2.13 15.93 16.59
C PHE A 546 -1.80 15.69 18.06
N ALA A 547 -1.12 16.65 18.68
CA ALA A 547 -0.82 16.55 20.12
C ALA A 547 -2.09 16.45 20.96
N ALA A 548 -3.12 17.18 20.54
CA ALA A 548 -4.42 17.13 21.21
C ALA A 548 -5.07 15.77 21.00
N TYR A 549 -4.99 15.25 19.77
CA TYR A 549 -5.49 13.90 19.47
C TYR A 549 -4.86 12.86 20.38
N LEU A 550 -3.55 12.95 20.58
CA LEU A 550 -2.84 12.00 21.43
C LEU A 550 -3.37 12.00 22.87
N GLU A 551 -3.54 13.19 23.47
CA GLU A 551 -4.11 13.30 24.82
C GLU A 551 -5.52 12.68 24.90
N ARG A 552 -6.40 13.13 24.01
CA ARG A 552 -7.80 12.67 23.96
C ARG A 552 -7.96 11.15 23.88
N GLU A 553 -7.51 10.54 22.78
CA GLU A 553 -7.65 9.09 22.60
C GLU A 553 -6.67 8.21 23.38
N TYR A 554 -5.56 8.75 23.92
CA TYR A 554 -4.50 7.90 24.51
C TYR A 554 -3.73 8.38 25.74
N LYS A 555 -4.28 9.34 26.50
CA LYS A 555 -3.68 9.77 27.80
C LYS A 555 -2.14 9.97 27.78
N VAL A 556 -1.65 10.65 26.75
CA VAL A 556 -0.22 10.87 26.55
C VAL A 556 0.03 12.35 26.24
N HIS A 557 0.88 12.98 27.05
CA HIS A 557 1.05 14.44 27.05
C HIS A 557 2.42 14.84 26.49
N ILE A 558 2.42 15.48 25.32
CA ILE A 558 3.66 15.77 24.58
C ILE A 558 3.93 17.27 24.36
N ASN A 559 5.21 17.61 24.20
CA ASN A 559 5.64 18.96 23.92
C ASN A 559 5.46 19.27 22.43
N PRO A 560 4.53 20.18 22.07
CA PRO A 560 4.31 20.47 20.66
C PRO A 560 5.34 21.42 20.03
N ASN A 561 6.28 21.95 20.82
CA ASN A 561 7.43 22.69 20.28
C ASN A 561 8.63 21.79 19.94
N SER A 562 8.56 20.52 20.32
CA SER A 562 9.61 19.56 19.97
C SER A 562 9.57 19.19 18.49
N LEU A 563 10.70 18.70 18.01
CA LEU A 563 10.78 18.15 16.68
C LEU A 563 10.01 16.82 16.67
N PHE A 564 9.05 16.70 15.76
CA PHE A 564 8.27 15.46 15.58
C PHE A 564 9.01 14.52 14.60
N ASP A 565 9.64 13.51 15.19
CA ASP A 565 10.53 12.58 14.53
C ASP A 565 9.73 11.30 14.35
N VAL A 566 9.32 10.99 13.13
CA VAL A 566 8.35 9.91 12.96
C VAL A 566 8.78 8.81 11.99
N GLN A 567 8.60 7.57 12.45
CA GLN A 567 8.80 6.38 11.64
C GLN A 567 7.54 5.52 11.71
N VAL A 568 6.73 5.62 10.66
CA VAL A 568 5.51 4.84 10.54
C VAL A 568 5.51 4.01 9.26
N LYS A 569 5.35 2.71 9.45
CA LYS A 569 5.37 1.70 8.40
C LYS A 569 5.32 0.34 9.11
N ARG A 570 5.10 -0.72 8.34
CA ARG A 570 5.08 -2.07 8.93
C ARG A 570 6.42 -2.39 9.59
N ILE A 571 6.36 -3.12 10.71
CA ILE A 571 7.56 -3.53 11.46
C ILE A 571 8.26 -4.69 10.72
N HIS A 572 9.51 -4.46 10.33
CA HIS A 572 10.36 -5.47 9.65
C HIS A 572 11.79 -5.23 10.08
N GLU A 573 12.60 -6.29 10.07
CA GLU A 573 14.04 -6.12 10.26
C GLU A 573 14.68 -5.22 9.18
N TYR A 574 14.24 -5.35 7.93
CA TYR A 574 14.84 -4.59 6.83
C TYR A 574 14.57 -3.08 6.93
N LYS A 575 13.42 -2.70 7.47
CA LYS A 575 13.05 -1.29 7.65
C LYS A 575 13.82 -0.61 8.82
N ARG A 576 14.43 -1.43 9.68
CA ARG A 576 15.41 -1.03 10.70
C ARG A 576 14.87 -0.04 11.76
N GLN A 577 13.68 -0.35 12.27
CA GLN A 577 13.16 0.32 13.45
C GLN A 577 14.18 0.20 14.56
N LEU A 578 14.95 -0.90 14.59
CA LEU A 578 16.01 -1.06 15.60
C LEU A 578 17.13 0.00 15.55
N LEU A 579 17.48 0.43 14.34
CA LEU A 579 18.45 1.51 14.19
C LEU A 579 17.93 2.82 14.82
N ASN A 580 16.65 3.11 14.61
CA ASN A 580 15.98 4.23 15.27
C ASN A 580 16.10 4.08 16.80
N CYS A 581 15.79 2.90 17.31
CA CYS A 581 15.90 2.61 18.74
C CYS A 581 17.30 2.89 19.31
N LEU A 582 18.33 2.52 18.55
CA LEU A 582 19.70 2.74 19.00
C LEU A 582 20.00 4.24 19.07
N HIS A 583 19.48 5.02 18.11
CA HIS A 583 19.64 6.46 18.16
C HIS A 583 18.92 7.04 19.39
N VAL A 584 17.68 6.61 19.62
CA VAL A 584 16.91 7.08 20.75
C VAL A 584 17.67 6.86 22.07
N ILE A 585 18.25 5.68 22.23
CA ILE A 585 18.99 5.35 23.46
C ILE A 585 20.31 6.17 23.57
N THR A 586 20.94 6.44 22.43
CA THR A 586 22.12 7.32 22.37
C THR A 586 21.76 8.72 22.88
N LEU A 587 20.62 9.26 22.44
CA LEU A 587 20.16 10.57 22.91
C LEU A 587 19.88 10.59 24.41
N TYR A 588 19.22 9.55 24.90
CA TYR A 588 18.94 9.41 26.30
C TYR A 588 20.23 9.35 27.12
N ASN A 589 21.16 8.50 26.71
CA ASN A 589 22.45 8.37 27.43
C ASN A 589 23.25 9.67 27.44
N ARG A 590 23.28 10.37 26.31
CA ARG A 590 23.95 11.67 26.22
C ARG A 590 23.34 12.71 27.18
N ILE A 591 22.01 12.72 27.33
CA ILE A 591 21.34 13.60 28.29
C ILE A 591 21.73 13.22 29.72
N LYS A 592 21.69 11.94 30.05
CA LYS A 592 22.04 11.50 31.39
C LYS A 592 23.49 11.82 31.77
N LYS A 593 24.38 11.86 30.78
CA LYS A 593 25.78 12.16 31.00
C LYS A 593 26.01 13.66 31.26
N GLU A 594 25.36 14.51 30.45
CA GLU A 594 25.44 15.98 30.60
C GLU A 594 24.03 16.61 30.70
N PRO A 595 23.35 16.40 31.83
CA PRO A 595 21.94 16.79 31.97
C PRO A 595 21.67 18.26 31.69
N ASN A 596 22.61 19.13 32.02
CA ASN A 596 22.38 20.58 31.90
C ASN A 596 22.83 21.20 30.59
N LYS A 597 23.27 20.37 29.64
CA LYS A 597 23.58 20.80 28.27
C LYS A 597 22.25 20.91 27.50
N PHE A 598 22.11 21.96 26.69
CA PHE A 598 20.94 22.11 25.83
C PHE A 598 20.97 21.09 24.68
N VAL A 599 19.83 20.43 24.46
CA VAL A 599 19.58 19.58 23.27
C VAL A 599 18.23 19.98 22.67
N VAL A 600 18.15 19.93 21.34
CA VAL A 600 16.89 20.18 20.65
C VAL A 600 15.86 19.13 21.12
N PRO A 601 14.73 19.57 21.72
CA PRO A 601 13.74 18.61 22.17
C PRO A 601 13.10 17.84 21.01
N ARG A 602 12.84 16.54 21.25
CA ARG A 602 12.26 15.65 20.24
C ARG A 602 11.12 14.84 20.81
N THR A 603 10.08 14.67 20.00
CA THR A 603 9.11 13.63 20.22
C THR A 603 9.36 12.59 19.13
N VAL A 604 9.81 11.41 19.55
CA VAL A 604 10.10 10.31 18.64
C VAL A 604 8.91 9.36 18.64
N MET A 605 8.26 9.26 17.48
CA MET A 605 7.08 8.45 17.28
C MET A 605 7.36 7.32 16.29
N ILE A 606 7.05 6.11 16.71
CA ILE A 606 7.23 4.92 15.89
C ILE A 606 5.93 4.16 15.93
N GLY A 607 5.46 3.75 14.75
CA GLY A 607 4.22 2.99 14.68
C GLY A 607 4.25 1.99 13.56
N GLY A 608 3.40 0.97 13.69
CA GLY A 608 3.28 -0.05 12.68
C GLY A 608 2.95 -1.41 13.26
N LYS A 609 2.39 -2.24 12.39
CA LYS A 609 1.96 -3.57 12.77
C LYS A 609 3.02 -4.59 12.45
N ALA A 610 3.08 -5.61 13.30
CA ALA A 610 3.88 -6.81 13.06
C ALA A 610 2.93 -7.93 12.65
N ALA A 611 3.38 -8.80 11.74
CA ALA A 611 2.59 -9.98 11.40
C ALA A 611 2.50 -10.86 12.67
N PRO A 612 1.35 -11.50 12.91
CA PRO A 612 1.15 -12.22 14.18
C PRO A 612 2.19 -13.30 14.51
N GLY A 613 2.70 -14.01 13.51
CA GLY A 613 3.75 -15.02 13.75
C GLY A 613 5.18 -14.55 13.59
N TYR A 614 5.40 -13.23 13.42
CA TYR A 614 6.74 -12.67 13.20
C TYR A 614 7.27 -12.28 14.59
N HIS A 615 7.86 -13.25 15.27
CA HIS A 615 8.32 -13.08 16.63
C HIS A 615 9.32 -11.92 16.83
N MET A 616 10.28 -11.78 15.94
CA MET A 616 11.29 -10.72 16.08
C MET A 616 10.64 -9.33 15.99
N ALA A 617 9.68 -9.17 15.08
CA ALA A 617 8.96 -7.90 14.95
C ALA A 617 8.19 -7.58 16.21
N LYS A 618 7.61 -8.60 16.84
CA LYS A 618 6.91 -8.43 18.08
C LYS A 618 7.83 -8.03 19.21
N MET A 619 9.03 -8.61 19.26
CA MET A 619 10.05 -8.19 20.23
C MET A 619 10.50 -6.73 20.04
N ILE A 620 10.58 -6.27 18.79
CA ILE A 620 10.96 -4.90 18.48
C ILE A 620 9.89 -3.92 19.02
N ILE A 621 8.61 -4.23 18.84
CA ILE A 621 7.54 -3.42 19.40
C ILE A 621 7.71 -3.33 20.92
N LYS A 622 7.98 -4.47 21.56
CA LYS A 622 8.18 -4.50 23.01
C LYS A 622 9.35 -3.63 23.43
N LEU A 623 10.44 -3.67 22.66
CA LEU A 623 11.62 -2.84 22.92
C LEU A 623 11.28 -1.35 22.90
N ILE A 624 10.52 -0.92 21.89
CA ILE A 624 10.16 0.48 21.74
C ILE A 624 9.35 0.95 22.94
N THR A 625 8.35 0.17 23.35
CA THR A 625 7.55 0.53 24.51
C THR A 625 8.41 0.52 25.79
N ALA A 626 9.35 -0.43 25.88
CA ALA A 626 10.25 -0.51 27.06
C ALA A 626 11.17 0.71 27.20
N ILE A 627 11.75 1.15 26.08
CA ILE A 627 12.53 2.39 26.05
C ILE A 627 11.65 3.56 26.50
N GLY A 628 10.43 3.63 25.97
CA GLY A 628 9.41 4.59 26.38
C GLY A 628 9.20 4.63 27.88
N ASP A 629 8.99 3.47 28.49
CA ASP A 629 8.83 3.34 29.95
C ASP A 629 9.96 3.97 30.75
N VAL A 630 11.20 3.83 30.29
CA VAL A 630 12.35 4.43 30.98
C VAL A 630 12.46 5.92 30.67
N VAL A 631 12.46 6.25 29.39
CA VAL A 631 12.76 7.61 28.95
C VAL A 631 11.69 8.61 29.40
N ASN A 632 10.42 8.22 29.26
CA ASN A 632 9.30 9.12 29.48
C ASN A 632 9.05 9.44 30.96
N HIS A 633 9.62 8.65 31.88
CA HIS A 633 9.43 8.82 33.33
C HIS A 633 10.73 9.20 34.06
N ASP A 634 11.75 9.65 33.33
CA ASP A 634 13.01 10.07 33.90
C ASP A 634 12.95 11.61 34.07
N PRO A 635 12.88 12.09 35.34
CA PRO A 635 12.67 13.53 35.59
C PRO A 635 13.82 14.41 35.07
N VAL A 636 15.03 13.87 35.02
CA VAL A 636 16.17 14.59 34.47
C VAL A 636 16.00 14.90 32.96
N VAL A 637 15.30 14.05 32.23
CA VAL A 637 15.06 14.27 30.81
C VAL A 637 14.01 15.35 30.61
N GLY A 638 12.98 15.33 31.46
CA GLY A 638 11.90 16.30 31.38
C GLY A 638 11.13 16.10 30.10
N ASP A 639 10.76 17.21 29.45
CA ASP A 639 10.09 17.13 28.15
C ASP A 639 11.06 17.40 26.98
N ARG A 640 12.32 16.99 27.15
CA ARG A 640 13.31 17.10 26.09
C ARG A 640 13.36 15.86 25.14
N LEU A 641 12.95 14.71 25.64
CA LEU A 641 12.86 13.49 24.83
C LEU A 641 11.68 12.67 25.28
N ARG A 642 10.82 12.31 24.33
CA ARG A 642 9.67 11.45 24.55
C ARG A 642 9.67 10.37 23.46
N VAL A 643 9.35 9.13 23.84
CA VAL A 643 9.25 8.01 22.91
C VAL A 643 7.85 7.40 22.98
N ILE A 644 7.09 7.53 21.89
CA ILE A 644 5.71 7.10 21.79
C ILE A 644 5.60 6.02 20.72
N PHE A 645 4.99 4.90 21.06
CA PHE A 645 4.58 3.91 20.09
C PHE A 645 3.16 4.21 19.66
N LEU A 646 2.97 4.57 18.40
CA LEU A 646 1.64 4.86 17.88
C LEU A 646 0.88 3.56 17.58
N GLU A 647 -0.16 3.31 18.35
CA GLU A 647 -0.93 2.08 18.27
C GLU A 647 -1.85 2.06 17.05
N ASN A 648 -2.02 0.88 16.46
CA ASN A 648 -2.94 0.63 15.35
C ASN A 648 -2.74 1.52 14.12
N TYR A 649 -1.49 1.64 13.70
CA TYR A 649 -1.20 2.41 12.50
C TYR A 649 -1.98 1.85 11.29
N ARG A 650 -2.63 2.75 10.58
CA ARG A 650 -3.54 2.44 9.50
C ARG A 650 -3.72 3.71 8.64
N VAL A 651 -4.49 3.65 7.56
CA VAL A 651 -4.59 4.78 6.62
C VAL A 651 -5.11 6.05 7.33
N SER A 652 -6.16 5.90 8.13
CA SER A 652 -6.76 7.04 8.84
C SER A 652 -5.80 7.65 9.89
N LEU A 653 -4.95 6.85 10.53
CA LEU A 653 -3.91 7.40 11.40
C LEU A 653 -2.80 8.08 10.56
N ALA A 654 -2.43 7.49 9.43
CA ALA A 654 -1.49 8.14 8.50
C ALA A 654 -1.92 9.58 8.14
N GLU A 655 -3.21 9.75 7.87
CA GLU A 655 -3.75 11.05 7.46
C GLU A 655 -3.63 12.12 8.56
N LYS A 656 -3.52 11.71 9.82
CA LYS A 656 -3.33 12.62 10.96
C LYS A 656 -1.86 12.89 11.29
N VAL A 657 -1.04 11.84 11.32
CA VAL A 657 0.34 12.00 11.79
C VAL A 657 1.28 12.57 10.73
N ILE A 658 1.06 12.25 9.46
CA ILE A 658 1.95 12.71 8.41
C ILE A 658 1.94 14.26 8.26
N PRO A 659 0.77 14.91 8.21
CA PRO A 659 0.79 16.39 8.26
C PRO A 659 1.46 17.04 9.49
N ALA A 660 1.55 16.31 10.60
CA ALA A 660 2.21 16.78 11.81
C ALA A 660 3.71 16.53 11.90
N ALA A 661 4.29 15.79 10.96
CA ALA A 661 5.70 15.38 11.11
C ALA A 661 6.68 16.47 10.64
N ASP A 662 7.78 16.58 11.38
CA ASP A 662 8.93 17.38 10.98
C ASP A 662 9.98 16.54 10.27
N LEU A 663 10.23 15.33 10.79
CA LEU A 663 11.27 14.46 10.26
C LEU A 663 10.71 13.09 9.90
N SER A 664 10.97 12.68 8.67
CA SER A 664 10.53 11.41 8.11
C SER A 664 11.69 10.40 8.09
N GLU A 665 11.52 9.30 8.80
CA GLU A 665 12.56 8.26 8.92
C GLU A 665 12.40 7.18 7.84
N GLN A 666 13.36 7.14 6.91
CA GLN A 666 13.30 6.25 5.75
C GLN A 666 14.65 5.57 5.63
N ILE A 667 14.88 4.65 6.56
CA ILE A 667 16.22 4.20 6.90
C ILE A 667 16.47 2.70 6.67
N SER A 668 15.77 2.12 5.70
CA SER A 668 16.01 0.75 5.26
C SER A 668 17.45 0.60 4.77
N THR A 669 18.02 -0.58 5.00
CA THR A 669 19.32 -0.94 4.41
C THR A 669 19.27 -0.81 2.90
N ALA A 670 20.27 -0.16 2.33
CA ALA A 670 20.32 0.11 0.89
C ALA A 670 20.11 -1.18 0.09
N GLY A 671 19.22 -1.13 -0.91
CA GLY A 671 18.87 -2.30 -1.71
C GLY A 671 17.69 -3.14 -1.27
N THR A 672 17.05 -2.81 -0.14
CA THR A 672 15.96 -3.62 0.38
C THR A 672 14.57 -3.04 0.19
N GLU A 673 14.40 -1.71 0.23
CA GLU A 673 13.08 -1.09 0.04
C GLU A 673 12.91 -0.78 -1.44
N ALA A 674 12.12 -1.57 -2.16
CA ALA A 674 11.95 -1.42 -3.62
C ALA A 674 11.67 0.02 -4.02
N SER A 675 10.73 0.66 -3.31
CA SER A 675 10.38 2.04 -3.56
C SER A 675 10.05 2.80 -2.30
N GLY A 676 9.01 2.35 -1.59
CA GLY A 676 8.39 3.14 -0.54
C GLY A 676 7.37 4.08 -1.16
N THR A 677 6.34 4.41 -0.39
CA THR A 677 5.36 5.43 -0.72
C THR A 677 5.14 6.38 0.43
N GLY A 678 5.22 5.86 1.66
CA GLY A 678 5.25 6.69 2.84
C GLY A 678 6.22 7.86 2.72
N ASN A 679 7.44 7.58 2.26
CA ASN A 679 8.44 8.64 2.02
C ASN A 679 7.88 9.83 1.22
N MET A 680 7.13 9.55 0.17
CA MET A 680 6.58 10.59 -0.70
C MET A 680 5.50 11.39 0.04
N LYS A 681 4.67 10.70 0.83
CA LYS A 681 3.61 11.35 1.59
C LYS A 681 4.17 12.43 2.50
N PHE A 682 5.25 12.10 3.21
CA PHE A 682 5.92 13.04 4.14
C PHE A 682 6.51 14.25 3.41
N MET A 683 7.10 13.98 2.25
CA MET A 683 7.69 15.03 1.42
C MET A 683 6.67 16.08 0.98
N LEU A 684 5.49 15.60 0.60
CA LEU A 684 4.40 16.46 0.15
C LEU A 684 3.79 17.33 1.29
N ASN A 685 3.94 16.85 2.52
CA ASN A 685 3.34 17.48 3.70
C ASN A 685 4.29 18.25 4.60
N GLY A 686 5.51 18.51 4.14
CA GLY A 686 6.38 19.49 4.80
C GLY A 686 7.27 18.94 5.89
N ALA A 687 7.65 17.68 5.75
CA ALA A 687 8.66 17.07 6.60
C ALA A 687 9.90 16.94 5.76
N LEU A 688 11.05 17.05 6.43
CA LEU A 688 12.33 16.74 5.82
C LEU A 688 12.61 15.26 6.06
N THR A 689 13.46 14.70 5.21
CA THR A 689 13.69 13.26 5.17
C THR A 689 15.10 12.92 5.62
N ILE A 690 15.22 12.03 6.61
CA ILE A 690 16.48 11.37 6.91
C ILE A 690 16.39 9.94 6.37
N GLY A 691 17.30 9.59 5.50
CA GLY A 691 17.27 8.27 4.90
C GLY A 691 18.51 7.83 4.15
N THR A 692 18.51 6.54 3.82
CA THR A 692 19.52 5.91 2.99
C THR A 692 19.22 6.10 1.53
N MET A 693 20.22 5.86 0.69
CA MET A 693 20.05 5.88 -0.76
C MET A 693 19.40 4.58 -1.19
N ASP A 694 18.11 4.45 -0.89
CA ASP A 694 17.34 3.25 -1.17
C ASP A 694 16.02 3.61 -1.80
N GLY A 695 15.49 2.72 -2.64
CA GLY A 695 14.16 2.89 -3.21
C GLY A 695 13.99 4.25 -3.84
N ALA A 696 12.83 4.85 -3.62
CA ALA A 696 12.52 6.12 -4.24
C ALA A 696 13.24 7.30 -3.56
N ASN A 697 13.82 7.08 -2.38
CA ASN A 697 14.62 8.13 -1.70
C ASN A 697 15.65 8.73 -2.66
N VAL A 698 16.23 7.88 -3.50
CA VAL A 698 17.23 8.29 -4.46
C VAL A 698 16.67 9.33 -5.45
N GLU A 699 15.48 9.05 -5.97
CA GLU A 699 14.88 9.98 -6.93
C GLU A 699 14.36 11.22 -6.20
N MET A 700 13.94 11.08 -4.94
CA MET A 700 13.45 12.24 -4.20
C MET A 700 14.59 13.24 -3.93
N ALA A 701 15.75 12.73 -3.51
CA ALA A 701 16.94 13.53 -3.25
C ALA A 701 17.43 14.18 -4.56
N GLU A 702 17.36 13.42 -5.63
CA GLU A 702 17.67 13.93 -6.95
C GLU A 702 16.75 15.09 -7.38
N GLU A 703 15.46 14.98 -7.11
CA GLU A 703 14.52 16.04 -7.45
C GLU A 703 14.72 17.30 -6.58
N ALA A 704 14.88 17.13 -5.28
CA ALA A 704 14.99 18.27 -4.37
C ALA A 704 16.40 18.87 -4.29
N GLY A 705 17.42 18.10 -4.69
CA GLY A 705 18.82 18.41 -4.41
C GLY A 705 19.28 17.74 -3.14
N GLU A 706 20.45 17.10 -3.19
CA GLU A 706 21.00 16.37 -2.05
C GLU A 706 21.29 17.24 -0.82
N GLU A 707 21.57 18.51 -1.08
CA GLU A 707 21.70 19.56 -0.03
C GLU A 707 20.44 19.73 0.79
N ASN A 708 19.28 19.41 0.21
CA ASN A 708 17.99 19.57 0.88
C ASN A 708 17.40 18.29 1.45
N PHE A 709 18.26 17.28 1.62
CA PHE A 709 17.90 15.95 2.08
C PHE A 709 18.95 15.51 3.09
N PHE A 710 18.57 14.73 4.10
CA PHE A 710 19.54 14.22 5.06
C PHE A 710 19.86 12.77 4.70
N ILE A 711 20.77 12.60 3.75
CA ILE A 711 21.23 11.29 3.29
C ILE A 711 22.39 10.81 4.16
N PHE A 712 22.40 9.52 4.47
CA PHE A 712 23.49 8.93 5.21
C PHE A 712 23.61 7.44 4.87
N GLY A 713 24.75 6.87 5.22
CA GLY A 713 24.92 5.43 5.26
C GLY A 713 25.45 4.83 3.99
N MET A 714 25.61 3.51 4.04
CA MET A 714 26.11 2.72 2.91
C MET A 714 25.18 2.85 1.71
N ARG A 715 25.80 2.93 0.54
CA ARG A 715 25.11 2.73 -0.74
C ARG A 715 25.01 1.23 -1.01
N VAL A 716 24.21 0.87 -2.00
CA VAL A 716 24.06 -0.53 -2.44
C VAL A 716 25.43 -1.21 -2.64
N GLU A 717 26.33 -0.49 -3.31
CA GLU A 717 27.67 -0.97 -3.64
C GLU A 717 28.53 -1.22 -2.40
N ASP A 718 28.35 -0.40 -1.36
CA ASP A 718 29.06 -0.60 -0.10
C ASP A 718 28.53 -1.84 0.60
N VAL A 719 27.23 -2.10 0.49
CA VAL A 719 26.64 -3.29 1.10
C VAL A 719 27.21 -4.56 0.44
N ASP A 720 27.33 -4.56 -0.88
CA ASP A 720 27.91 -5.69 -1.63
C ASP A 720 29.34 -5.93 -1.17
N ARG A 721 30.14 -4.86 -1.09
CA ARG A 721 31.54 -4.98 -0.64
C ARG A 721 31.63 -5.54 0.77
N LEU A 722 30.73 -5.12 1.65
CA LEU A 722 30.74 -5.63 3.03
C LEU A 722 30.40 -7.12 3.06
N ASP A 723 29.45 -7.54 2.20
CA ASP A 723 29.08 -8.97 2.08
C ASP A 723 30.24 -9.83 1.57
N GLN A 724 30.99 -9.31 0.58
CA GLN A 724 32.16 -10.03 0.04
C GLN A 724 33.20 -10.32 1.12
N ARG A 725 33.60 -9.29 1.86
CA ARG A 725 34.52 -9.47 2.99
C ARG A 725 33.89 -10.27 4.15
N GLY A 726 32.59 -10.13 4.35
CA GLY A 726 31.88 -10.77 5.46
C GLY A 726 31.59 -9.78 6.58
N TYR A 727 30.31 -9.64 6.93
CA TYR A 727 29.90 -8.68 7.94
C TYR A 727 30.20 -9.23 9.32
N ASN A 728 31.01 -8.52 10.08
CA ASN A 728 31.31 -8.86 11.45
C ASN A 728 30.90 -7.69 12.34
N ALA A 729 29.75 -7.85 13.01
CA ALA A 729 29.19 -6.82 13.88
C ALA A 729 30.07 -6.52 15.11
N GLN A 730 30.82 -7.52 15.58
CA GLN A 730 31.70 -7.39 16.76
C GLN A 730 32.74 -6.25 16.57
N GLU A 731 33.17 -6.06 15.33
CA GLU A 731 34.10 -4.99 14.99
C GLU A 731 33.55 -3.64 15.39
N TYR A 732 32.27 -3.39 15.09
CA TYR A 732 31.64 -2.09 15.41
C TYR A 732 31.47 -1.91 16.91
N TYR A 733 31.03 -2.97 17.58
CA TYR A 733 30.91 -3.02 19.05
C TYR A 733 32.23 -2.66 19.76
N ASP A 734 33.33 -3.22 19.25
CA ASP A 734 34.66 -3.01 19.84
C ASP A 734 35.18 -1.57 19.68
N ARG A 735 34.84 -0.89 18.58
CA ARG A 735 35.43 0.42 18.25
C ARG A 735 34.51 1.61 18.54
N ILE A 736 33.25 1.37 18.90
CA ILE A 736 32.31 2.48 19.17
C ILE A 736 31.80 2.32 20.59
N PRO A 737 32.37 3.10 21.55
CA PRO A 737 31.99 2.92 22.96
C PRO A 737 30.51 3.20 23.26
N GLU A 738 29.94 4.21 22.59
CA GLU A 738 28.52 4.54 22.76
C GLU A 738 27.62 3.37 22.37
N LEU A 739 28.03 2.60 21.35
CA LEU A 739 27.29 1.43 20.88
C LEU A 739 27.40 0.29 21.87
N ARG A 740 28.60 0.09 22.39
CA ARG A 740 28.90 -0.91 23.41
C ARG A 740 28.05 -0.70 24.64
N GLN A 741 27.95 0.55 25.09
CA GLN A 741 27.13 0.90 26.25
C GLN A 741 25.65 0.53 26.05
N ILE A 742 25.12 0.77 24.86
CA ILE A 742 23.71 0.44 24.58
C ILE A 742 23.47 -1.08 24.63
N ILE A 743 24.38 -1.84 24.05
CA ILE A 743 24.30 -3.30 24.06
C ILE A 743 24.42 -3.85 25.47
N GLU A 744 25.32 -3.28 26.25
CA GLU A 744 25.43 -3.67 27.65
C GLU A 744 24.17 -3.29 28.46
N GLN A 745 23.52 -2.19 28.11
CA GLN A 745 22.24 -1.84 28.75
C GLN A 745 21.13 -2.84 28.42
N LEU A 746 21.02 -3.23 27.14
CA LEU A 746 19.99 -4.18 26.72
C LEU A 746 20.17 -5.56 27.33
N SER A 747 21.41 -6.06 27.27
CA SER A 747 21.77 -7.37 27.81
C SER A 747 21.54 -7.47 29.30
N SER A 748 21.90 -6.43 30.03
CA SER A 748 21.92 -6.50 31.50
C SER A 748 20.58 -6.25 32.17
N GLY A 749 19.56 -5.83 31.42
CA GLY A 749 18.24 -5.61 32.00
C GLY A 749 17.89 -4.19 32.39
N PHE A 750 18.64 -3.23 31.85
CA PHE A 750 18.37 -1.81 32.11
C PHE A 750 16.94 -1.42 31.68
N PHE A 751 16.50 -1.90 30.52
CA PHE A 751 15.15 -1.63 30.02
C PHE A 751 14.11 -2.73 30.33
N SER A 752 14.48 -3.68 31.18
CA SER A 752 13.60 -4.79 31.56
C SER A 752 14.03 -5.36 32.94
N PRO A 753 13.92 -4.56 34.02
CA PRO A 753 14.48 -4.97 35.32
C PRO A 753 13.87 -6.25 35.90
N LYS A 754 12.56 -6.41 35.73
CA LYS A 754 11.88 -7.62 36.19
C LYS A 754 12.22 -8.87 35.37
N GLN A 755 12.61 -8.69 34.11
CA GLN A 755 12.98 -9.78 33.21
C GLN A 755 14.32 -9.44 32.54
N PRO A 756 15.44 -9.51 33.29
CA PRO A 756 16.75 -9.06 32.77
C PRO A 756 17.17 -9.56 31.37
N ASP A 757 16.80 -10.80 31.02
CA ASP A 757 17.21 -11.40 29.74
C ASP A 757 16.19 -11.21 28.59
N LEU A 758 15.12 -10.45 28.82
CA LEU A 758 14.02 -10.29 27.87
C LEU A 758 14.44 -9.99 26.43
N PHE A 759 15.50 -9.21 26.26
CA PHE A 759 15.96 -8.77 24.93
C PHE A 759 17.19 -9.52 24.40
N LYS A 760 17.48 -10.70 24.93
CA LYS A 760 18.65 -11.49 24.48
C LYS A 760 18.58 -11.90 23.00
N ASP A 761 17.39 -12.23 22.51
CA ASP A 761 17.24 -12.55 21.08
C ASP A 761 17.60 -11.35 20.20
N ILE A 762 17.20 -10.15 20.61
CA ILE A 762 17.53 -8.93 19.84
C ILE A 762 19.05 -8.71 19.83
N VAL A 763 19.67 -8.79 21.01
CA VAL A 763 21.12 -8.60 21.14
C VAL A 763 21.87 -9.65 20.34
N ASN A 764 21.44 -10.90 20.47
CA ASN A 764 22.08 -11.98 19.74
C ASN A 764 21.94 -11.81 18.24
N MET A 765 20.77 -11.37 17.78
CA MET A 765 20.59 -11.10 16.34
C MET A 765 21.55 -9.99 15.86
N LEU A 766 21.59 -8.89 16.60
CA LEU A 766 22.46 -7.74 16.26
C LEU A 766 23.94 -8.11 16.17
N MET A 767 24.39 -8.93 17.11
CA MET A 767 25.81 -9.32 17.25
C MET A 767 26.24 -10.41 16.28
N HIS A 768 25.36 -11.38 16.00
CA HIS A 768 25.77 -12.59 15.26
C HIS A 768 25.03 -12.91 13.97
N HIS A 769 23.77 -12.47 13.80
CA HIS A 769 22.97 -12.88 12.64
C HIS A 769 22.21 -11.72 11.97
N ASP A 770 22.83 -10.55 11.87
CA ASP A 770 22.14 -9.37 11.35
C ASP A 770 22.29 -9.24 9.82
N ARG A 771 21.26 -9.69 9.11
CA ARG A 771 21.23 -9.58 7.65
C ARG A 771 21.20 -8.12 7.17
N PHE A 772 20.81 -7.18 8.03
CA PHE A 772 20.55 -5.79 7.60
C PHE A 772 21.51 -4.72 8.14
N LYS A 773 22.57 -5.16 8.81
CA LYS A 773 23.79 -4.37 9.05
C LYS A 773 23.48 -3.07 9.79
N VAL A 774 22.76 -3.23 10.89
CA VAL A 774 22.33 -2.13 11.74
C VAL A 774 23.55 -1.37 12.26
N PHE A 775 24.53 -2.10 12.81
CA PHE A 775 25.76 -1.49 13.36
C PHE A 775 26.58 -0.77 12.30
N ALA A 776 26.64 -1.30 11.08
CA ALA A 776 27.42 -0.63 10.02
C ALA A 776 26.93 0.77 9.67
N ASP A 777 25.68 1.11 9.92
CA ASP A 777 25.17 2.44 9.61
C ASP A 777 24.99 3.34 10.86
N TYR A 778 25.34 2.84 12.03
CA TYR A 778 25.06 3.51 13.29
C TYR A 778 25.76 4.86 13.40
N GLU A 779 27.07 4.87 13.21
CA GLU A 779 27.88 6.10 13.37
C GLU A 779 27.42 7.22 12.46
N GLU A 780 27.32 6.93 11.16
CA GLU A 780 26.82 7.89 10.16
C GLU A 780 25.37 8.35 10.40
N TYR A 781 24.53 7.48 10.93
CA TYR A 781 23.15 7.85 11.26
C TYR A 781 23.13 8.87 12.40
N VAL A 782 23.86 8.58 13.45
CA VAL A 782 23.95 9.46 14.63
C VAL A 782 24.48 10.85 14.25
N LYS A 783 25.54 10.89 13.46
CA LYS A 783 26.08 12.15 12.95
C LYS A 783 25.15 12.91 12.04
N CYS A 784 24.42 12.18 11.19
CA CYS A 784 23.41 12.81 10.34
C CYS A 784 22.26 13.42 11.18
N GLN A 785 21.85 12.72 12.24
CA GLN A 785 20.84 13.18 13.17
C GLN A 785 21.25 14.47 13.92
N GLU A 786 22.54 14.61 14.23
CA GLU A 786 23.08 15.88 14.78
C GLU A 786 22.90 17.04 13.80
N ARG A 787 23.13 16.82 12.52
CA ARG A 787 22.90 17.87 11.52
C ARG A 787 21.44 18.29 11.41
N VAL A 788 20.54 17.33 11.60
CA VAL A 788 19.11 17.58 11.60
C VAL A 788 18.79 18.53 12.75
N SER A 789 19.25 18.16 13.93
CA SER A 789 19.07 18.94 15.12
C SER A 789 19.58 20.38 14.96
N ALA A 790 20.79 20.52 14.42
CA ALA A 790 21.39 21.83 14.14
C ALA A 790 20.49 22.71 13.29
N LEU A 791 19.95 22.14 12.22
CA LEU A 791 19.08 22.88 11.32
C LEU A 791 17.77 23.28 12.00
N TYR A 792 17.22 22.42 12.87
CA TYR A 792 15.92 22.69 13.49
C TYR A 792 15.97 23.92 14.42
N LYS A 793 17.10 24.09 15.11
CA LYS A 793 17.43 25.33 15.86
C LYS A 793 17.29 26.64 15.10
N ASN A 794 17.40 26.60 13.77
CA ASN A 794 17.19 27.76 12.88
C ASN A 794 15.88 27.63 12.07
N PRO A 795 14.72 27.92 12.70
CA PRO A 795 13.40 27.75 12.08
C PRO A 795 13.28 28.22 10.65
N ARG A 796 13.86 29.40 10.35
CA ARG A 796 13.72 30.01 9.04
C ARG A 796 14.39 29.17 7.95
N GLU A 797 15.59 28.67 8.23
CA GLU A 797 16.30 27.82 7.25
C GLU A 797 15.71 26.38 7.16
N TRP A 798 15.24 25.85 8.29
CA TRP A 798 14.44 24.61 8.27
C TRP A 798 13.27 24.76 7.27
N THR A 799 12.47 25.79 7.49
CA THR A 799 11.29 26.02 6.66
C THR A 799 11.63 26.28 5.21
N ARG A 800 12.75 26.94 4.94
CA ARG A 800 13.18 27.16 3.55
C ARG A 800 13.53 25.86 2.85
N MET A 801 14.22 24.97 3.56
CA MET A 801 14.51 23.64 3.03
C MET A 801 13.21 22.83 2.80
N VAL A 802 12.24 22.95 3.72
CA VAL A 802 10.90 22.33 3.55
C VAL A 802 10.25 22.80 2.24
N ILE A 803 10.27 24.10 2.00
CA ILE A 803 9.69 24.66 0.76
C ILE A 803 10.36 24.06 -0.46
N ARG A 804 11.67 23.87 -0.39
CA ARG A 804 12.39 23.22 -1.50
C ARG A 804 11.99 21.75 -1.74
N ASN A 805 11.63 21.04 -0.66
CA ASN A 805 11.10 19.66 -0.79
C ASN A 805 9.69 19.64 -1.40
N ILE A 806 8.78 20.40 -0.82
CA ILE A 806 7.39 20.45 -1.28
C ILE A 806 7.33 20.83 -2.75
N ALA A 807 8.12 21.85 -3.12
CA ALA A 807 8.12 22.37 -4.48
C ALA A 807 8.66 21.43 -5.55
N THR A 808 9.47 20.44 -5.15
CA THR A 808 10.02 19.44 -6.07
C THR A 808 9.36 18.05 -5.94
N SER A 809 8.24 17.96 -5.25
CA SER A 809 7.60 16.66 -5.03
C SER A 809 6.65 16.24 -6.18
N GLY A 810 6.49 17.08 -7.20
CA GLY A 810 5.57 16.82 -8.29
C GLY A 810 5.73 15.52 -9.06
N LYS A 811 6.98 15.08 -9.23
CA LYS A 811 7.24 13.81 -9.91
C LYS A 811 6.54 12.60 -9.21
N PHE A 812 6.25 12.71 -7.92
CA PHE A 812 5.77 11.61 -7.11
C PHE A 812 4.27 11.58 -6.95
N SER A 813 3.57 12.22 -7.89
CA SER A 813 2.17 12.02 -8.13
C SER A 813 1.91 10.70 -8.84
N SER A 814 0.95 9.94 -8.32
CA SER A 814 0.48 8.74 -9.01
C SER A 814 -0.19 9.05 -10.35
N ASP A 815 -0.59 10.30 -10.60
CA ASP A 815 -1.08 10.67 -11.95
C ASP A 815 0.02 10.53 -12.97
N ARG A 816 1.23 10.92 -12.61
CA ARG A 816 2.40 10.76 -13.48
C ARG A 816 2.68 9.27 -13.70
N THR A 817 2.71 8.50 -12.61
CA THR A 817 2.94 7.06 -12.70
C THR A 817 1.96 6.39 -13.65
N ILE A 818 0.68 6.65 -13.44
CA ILE A 818 -0.37 6.00 -14.26
C ILE A 818 -0.32 6.44 -15.71
N ALA A 819 -0.02 7.72 -15.96
CA ALA A 819 0.18 8.16 -17.35
C ALA A 819 1.29 7.33 -18.03
N GLN A 820 2.35 7.02 -17.29
CA GLN A 820 3.44 6.22 -17.82
C GLN A 820 3.02 4.76 -18.07
N TYR A 821 2.29 4.17 -17.14
CA TYR A 821 1.71 2.83 -17.40
C TYR A 821 0.82 2.85 -18.64
N ALA A 822 -0.04 3.86 -18.73
CA ALA A 822 -1.00 3.92 -19.80
C ALA A 822 -0.32 3.97 -21.18
N ARG A 823 0.69 4.83 -21.32
CA ARG A 823 1.39 5.02 -22.59
C ARG A 823 2.40 3.95 -22.94
N GLU A 824 3.15 3.48 -21.94
CA GLU A 824 4.29 2.59 -22.20
C GLU A 824 3.98 1.10 -22.02
N ILE A 825 2.88 0.77 -21.34
CA ILE A 825 2.50 -0.63 -21.12
C ILE A 825 1.13 -0.95 -21.69
N TRP A 826 0.10 -0.19 -21.35
CA TRP A 826 -1.28 -0.54 -21.73
C TRP A 826 -1.70 -0.07 -23.12
N GLY A 827 -0.98 0.92 -23.66
CA GLY A 827 -1.26 1.42 -25.01
C GLY A 827 -2.55 2.23 -25.11
N VAL A 828 -2.81 3.07 -24.12
CA VAL A 828 -3.99 3.94 -24.09
C VAL A 828 -3.58 5.34 -23.69
N GLU A 829 -4.40 6.32 -24.08
CA GLU A 829 -4.10 7.73 -23.80
C GLU A 829 -4.89 8.23 -22.63
N PRO A 830 -4.23 8.81 -21.62
CA PRO A 830 -4.97 9.48 -20.55
C PRO A 830 -5.76 10.73 -21.04
N SER A 831 -6.56 11.29 -20.16
CA SER A 831 -7.40 12.44 -20.52
C SER A 831 -7.85 13.17 -19.27
N ARG A 832 -7.81 14.49 -19.30
CA ARG A 832 -8.32 15.33 -18.20
C ARG A 832 -9.72 15.92 -18.51
N GLN A 833 -10.30 15.53 -19.64
CA GLN A 833 -11.61 16.05 -20.05
C GLN A 833 -12.76 15.54 -19.18
N ARG A 834 -13.58 16.48 -18.69
CA ARG A 834 -14.87 16.21 -18.02
C ARG A 834 -15.81 15.35 -18.85
N LEU A 835 -16.53 14.45 -18.20
CA LEU A 835 -17.77 13.89 -18.75
C LEU A 835 -18.92 14.80 -18.30
N PRO A 836 -20.07 14.77 -19.01
CA PRO A 836 -21.25 15.55 -18.61
C PRO A 836 -21.80 15.29 -17.19
N ALA A 837 -22.12 16.36 -16.46
CA ALA A 837 -22.90 16.32 -15.22
C ALA A 837 -24.41 16.34 -15.59
N PRO A 838 -25.36 16.25 -14.64
CA PRO A 838 -25.15 16.16 -13.17
C PRO A 838 -24.44 14.88 -12.69
OAA GDE B . 9.64 -15.36 10.05
OAB GDE B . 10.92 -13.71 9.29
OAC GDE B . 7.47 -10.57 7.31
OAD GDE B . 4.85 -14.03 9.40
OAE GDE B . 4.98 -11.66 7.95
CAF GDE B . 8.57 -12.37 8.40
CAG GDE B . 7.24 -14.12 9.46
CAH GDE B . 9.73 -14.26 9.53
CAI GDE B . 7.38 -11.73 8.02
CAJ GDE B . 6.06 -13.48 9.07
CAK GDE B . 8.48 -13.56 9.13
CAL GDE B . 6.13 -12.28 8.35
N1 PLP C . 0.75 1.67 5.59
C2 PLP C . -0.13 2.69 5.50
C2A PLP C . -1.36 2.75 6.36
C3 PLP C . 0.12 3.77 4.55
O3 PLP C . -0.74 4.80 4.44
C4 PLP C . 1.35 3.70 3.73
C4A PLP C . 1.74 4.70 2.70
C5 PLP C . 2.22 2.50 3.90
C6 PLP C . 1.86 1.56 4.85
C5A PLP C . 3.51 2.33 3.12
O4P PLP C . 4.54 3.01 3.83
P PLP C . 6.09 2.73 3.55
O1P PLP C . 6.81 3.64 4.51
O2P PLP C . 6.22 1.29 3.91
O3P PLP C . 6.30 3.06 2.09
#